data_2AXZ
#
_entry.id   2AXZ
#
_cell.length_a   71.076
_cell.length_b   83.903
_cell.length_c   286.804
_cell.angle_alpha   90.00
_cell.angle_beta   90.00
_cell.angle_gamma   90.00
#
_symmetry.space_group_name_H-M   'P 21 21 21'
#
loop_
_entity.id
_entity.type
_entity.pdbx_description
1 polymer PrgX
2 polymer 'LVTLVFV peptide'
3 polymer 'TPPKEVT(MSE) peptide'
4 water water
#
loop_
_entity_poly.entity_id
_entity_poly.type
_entity_poly.pdbx_seq_one_letter_code
_entity_poly.pdbx_strand_id
1 'polypeptide(L)'
;(MSE)FKIGSVLKQIRQELNYHQIDLYSGI(MSE)SKSVYIKVEADSRPISVEELSKFSERLGVNFFEILNRAG(MSE)N
TKSVNETGKEKLLISKIFTNPDLFDKNFQRIEPKRLTSLQYFSIYLGYISIAHHYNIEVPTFNKTITSDLKHLYDKRTTF
FGIDYEIVSNLLNVLPYEEVSSIIKP(MSE)YPIVDSFGKDYDLTIQTVLKNALTISI(MSE)NRNLKEAQYYINQFEHL
KTIKNISINGYYDLEINYLKQIYQFLTDKNIDSYLNAVNIINIFKIIGKEDIHRSLVEELTKISAKEKFTPPKEVT
(MSE)YYENYVAIENNPIPEIKEQS
;
A,B,C,D
2 'polypeptide(L)' LVTLVFV E,F,H
3 'polypeptide(L)' TPPKEVT(MSE) I
#
# COMPACT_ATOMS: atom_id res chain seq x y z
N MSE A 1 -12.47 -51.20 16.46
CA MSE A 1 -11.05 -50.86 16.17
C MSE A 1 -10.63 -49.59 16.90
O MSE A 1 -9.58 -49.01 16.61
CB MSE A 1 -10.83 -50.69 14.66
CG MSE A 1 -12.04 -51.01 13.80
SE MSE A 1 -13.34 -49.57 13.70
CE MSE A 1 -14.68 -50.27 14.90
N PHE A 2 -11.46 -49.15 17.83
CA PHE A 2 -11.19 -47.94 18.60
C PHE A 2 -11.35 -48.19 20.10
N LYS A 3 -10.23 -48.16 20.81
CA LYS A 3 -10.21 -48.38 22.25
C LYS A 3 -10.87 -47.25 23.04
N ILE A 4 -12.16 -47.00 22.80
CA ILE A 4 -12.82 -45.93 23.55
C ILE A 4 -12.85 -46.28 25.04
N GLY A 5 -12.84 -47.57 25.33
CA GLY A 5 -12.87 -48.02 26.70
C GLY A 5 -11.63 -47.68 27.51
N SER A 6 -10.46 -48.06 27.00
CA SER A 6 -9.21 -47.77 27.68
C SER A 6 -9.11 -46.28 27.98
N VAL A 7 -9.52 -45.46 27.02
CA VAL A 7 -9.47 -44.01 27.18
C VAL A 7 -10.34 -43.59 28.36
N LEU A 8 -11.55 -44.14 28.44
CA LEU A 8 -12.46 -43.82 29.52
C LEU A 8 -11.84 -44.11 30.88
N LYS A 9 -11.21 -45.28 31.01
CA LYS A 9 -10.56 -45.66 32.26
C LYS A 9 -9.43 -44.67 32.53
N GLN A 10 -8.66 -44.39 31.50
CA GLN A 10 -7.53 -43.46 31.59
C GLN A 10 -7.98 -42.13 32.20
N ILE A 11 -8.97 -41.49 31.57
CA ILE A 11 -9.48 -40.22 32.04
C ILE A 11 -10.07 -40.31 33.45
N ARG A 12 -10.85 -41.37 33.71
CA ARG A 12 -11.48 -41.55 35.01
C ARG A 12 -10.44 -41.60 36.13
N GLN A 13 -9.42 -42.43 35.94
CA GLN A 13 -8.36 -42.59 36.93
C GLN A 13 -7.58 -41.30 37.13
N GLU A 14 -7.17 -40.69 36.01
CA GLU A 14 -6.40 -39.45 36.06
C GLU A 14 -7.13 -38.39 36.88
N LEU A 15 -8.46 -38.36 36.76
CA LEU A 15 -9.27 -37.39 37.49
C LEU A 15 -9.71 -37.96 38.83
N ASN A 16 -9.25 -39.18 39.13
CA ASN A 16 -9.57 -39.85 40.38
C ASN A 16 -11.07 -40.05 40.61
N TYR A 17 -11.73 -40.68 39.66
CA TYR A 17 -13.16 -40.96 39.75
C TYR A 17 -13.34 -42.47 39.84
N HIS A 18 -14.28 -42.92 40.67
CA HIS A 18 -14.53 -44.35 40.82
C HIS A 18 -15.57 -44.80 39.81
N GLN A 19 -15.54 -46.08 39.45
CA GLN A 19 -16.49 -46.62 38.49
C GLN A 19 -17.93 -46.26 38.84
N ILE A 20 -18.24 -46.28 40.13
CA ILE A 20 -19.59 -45.97 40.61
C ILE A 20 -19.97 -44.54 40.27
N ASP A 21 -18.97 -43.70 39.99
CA ASP A 21 -19.21 -42.31 39.66
C ASP A 21 -19.64 -42.12 38.20
N LEU A 22 -19.42 -43.13 37.38
CA LEU A 22 -19.77 -43.05 35.96
C LEU A 22 -21.02 -43.84 35.56
N TYR A 23 -21.06 -45.12 35.91
CA TYR A 23 -22.19 -45.96 35.54
C TYR A 23 -23.44 -45.79 36.41
N SER A 24 -23.30 -45.13 37.56
CA SER A 24 -24.43 -44.93 38.46
C SER A 24 -25.56 -44.19 37.75
N GLY A 25 -26.59 -44.95 37.36
CA GLY A 25 -27.73 -44.36 36.68
C GLY A 25 -27.67 -44.54 35.18
N ILE A 26 -26.59 -45.16 34.70
CA ILE A 26 -26.43 -45.39 33.27
C ILE A 26 -26.42 -46.89 32.94
N MSE A 27 -25.68 -47.68 33.73
CA MSE A 27 -25.62 -49.12 33.49
C MSE A 27 -25.10 -49.89 34.70
O MSE A 27 -24.66 -49.29 35.69
CB MSE A 27 -24.74 -49.41 32.27
CG MSE A 27 -23.34 -48.86 32.38
SE MSE A 27 -22.29 -49.33 30.83
CE MSE A 27 -22.90 -47.95 29.64
N SER A 28 -25.15 -51.21 34.61
CA SER A 28 -24.69 -52.07 35.70
C SER A 28 -23.17 -52.09 35.77
N LYS A 29 -22.64 -52.23 36.99
CA LYS A 29 -21.20 -52.27 37.18
C LYS A 29 -20.60 -53.45 36.41
N SER A 30 -21.43 -54.43 36.11
CA SER A 30 -20.98 -55.61 35.38
C SER A 30 -20.59 -55.27 33.94
N VAL A 31 -21.55 -54.75 33.18
CA VAL A 31 -21.32 -54.40 31.79
C VAL A 31 -20.33 -53.25 31.62
N TYR A 32 -20.33 -52.31 32.55
CA TYR A 32 -19.42 -51.17 32.45
C TYR A 32 -17.98 -51.65 32.35
N ILE A 33 -17.63 -52.64 33.16
CA ILE A 33 -16.28 -53.19 33.15
C ILE A 33 -15.97 -53.71 31.75
N LYS A 34 -17.01 -54.19 31.07
CA LYS A 34 -16.85 -54.72 29.71
C LYS A 34 -16.57 -53.60 28.73
N VAL A 35 -17.31 -52.49 28.87
CA VAL A 35 -17.13 -51.34 28.01
C VAL A 35 -15.71 -50.82 28.18
N GLU A 36 -15.34 -50.55 29.43
CA GLU A 36 -14.03 -50.04 29.76
C GLU A 36 -12.92 -51.01 29.36
N ALA A 37 -13.23 -52.31 29.37
CA ALA A 37 -12.24 -53.32 28.99
C ALA A 37 -12.24 -53.48 27.48
N ASP A 38 -13.04 -52.66 26.80
CA ASP A 38 -13.14 -52.71 25.35
C ASP A 38 -13.51 -54.11 24.86
N SER A 39 -14.61 -54.64 25.41
CA SER A 39 -15.09 -55.95 25.03
C SER A 39 -16.57 -55.85 24.69
N ARG A 40 -17.12 -54.66 24.89
CA ARG A 40 -18.52 -54.40 24.60
C ARG A 40 -18.65 -53.06 23.88
N PRO A 41 -19.28 -53.06 22.69
CA PRO A 41 -19.45 -51.82 21.94
C PRO A 41 -20.15 -50.76 22.79
N ILE A 42 -19.72 -49.52 22.68
CA ILE A 42 -20.32 -48.43 23.45
C ILE A 42 -21.15 -47.55 22.51
N SER A 43 -22.37 -47.22 22.94
CA SER A 43 -23.25 -46.39 22.12
C SER A 43 -22.95 -44.91 22.31
N VAL A 44 -23.24 -44.13 21.28
CA VAL A 44 -23.01 -42.69 21.32
C VAL A 44 -23.75 -42.06 22.50
N GLU A 45 -24.97 -42.52 22.74
CA GLU A 45 -25.79 -42.00 23.84
C GLU A 45 -25.10 -42.20 25.18
N GLU A 46 -24.43 -43.35 25.32
CA GLU A 46 -23.73 -43.67 26.56
C GLU A 46 -22.45 -42.84 26.70
N LEU A 47 -21.57 -42.94 25.71
CA LEU A 47 -20.32 -42.19 25.73
C LEU A 47 -20.58 -40.73 26.07
N SER A 48 -21.64 -40.17 25.47
CA SER A 48 -22.00 -38.79 25.71
C SER A 48 -22.23 -38.56 27.20
N LYS A 49 -22.93 -39.48 27.85
CA LYS A 49 -23.21 -39.37 29.28
C LYS A 49 -21.95 -39.47 30.11
N PHE A 50 -21.07 -40.41 29.76
CA PHE A 50 -19.83 -40.59 30.49
C PHE A 50 -19.01 -39.31 30.31
N SER A 51 -19.07 -38.76 29.12
CA SER A 51 -18.34 -37.53 28.80
C SER A 51 -18.72 -36.41 29.74
N GLU A 52 -19.98 -36.39 30.20
CA GLU A 52 -20.44 -35.36 31.11
C GLU A 52 -19.99 -35.67 32.54
N ARG A 53 -19.94 -36.97 32.85
CA ARG A 53 -19.52 -37.41 34.17
C ARG A 53 -18.05 -37.03 34.38
N LEU A 54 -17.22 -37.35 33.40
CA LEU A 54 -15.80 -37.07 33.45
C LEU A 54 -15.51 -35.57 33.43
N GLY A 55 -16.23 -34.83 32.59
CA GLY A 55 -16.02 -33.40 32.49
C GLY A 55 -15.10 -33.06 31.33
N VAL A 56 -14.65 -34.10 30.63
CA VAL A 56 -13.77 -33.93 29.48
C VAL A 56 -14.60 -33.89 28.20
N ASN A 57 -14.17 -33.06 27.26
CA ASN A 57 -14.87 -32.90 25.99
C ASN A 57 -15.17 -34.24 25.32
N PHE A 58 -16.38 -34.35 24.79
CA PHE A 58 -16.84 -35.56 24.11
C PHE A 58 -16.02 -35.88 22.86
N PHE A 59 -15.80 -34.86 22.03
CA PHE A 59 -15.03 -35.05 20.81
C PHE A 59 -13.56 -35.29 21.11
N GLU A 60 -13.09 -34.75 22.23
CA GLU A 60 -11.69 -34.93 22.62
C GLU A 60 -11.49 -36.39 23.00
N ILE A 61 -12.48 -36.96 23.68
CA ILE A 61 -12.41 -38.36 24.10
C ILE A 61 -12.28 -39.23 22.85
N LEU A 62 -13.11 -38.95 21.85
CA LEU A 62 -13.07 -39.71 20.60
C LEU A 62 -11.71 -39.56 19.94
N ASN A 63 -11.17 -38.34 19.95
CA ASN A 63 -9.87 -38.09 19.35
C ASN A 63 -8.81 -38.95 20.05
N ARG A 64 -8.82 -38.91 21.38
CA ARG A 64 -7.86 -39.68 22.16
C ARG A 64 -7.99 -41.18 21.88
N ALA A 65 -9.20 -41.60 21.54
CA ALA A 65 -9.48 -42.99 21.24
C ALA A 65 -8.88 -43.43 19.92
N GLY A 66 -8.61 -42.47 19.04
CA GLY A 66 -8.05 -42.80 17.74
C GLY A 66 -8.79 -42.15 16.60
N MSE A 67 -9.86 -41.43 16.92
CA MSE A 67 -10.65 -40.76 15.90
C MSE A 67 -9.81 -39.68 15.21
O MSE A 67 -10.30 -38.96 14.35
CB MSE A 67 -11.89 -40.10 16.52
CG MSE A 67 -12.86 -41.06 17.19
SE MSE A 67 -13.59 -42.43 16.05
CE MSE A 67 -13.99 -43.75 17.41
N ASN A 68 -8.54 -39.55 15.62
CA ASN A 68 -7.67 -38.57 14.99
C ASN A 68 -7.63 -38.91 13.51
N THR A 69 -8.62 -38.39 12.78
CA THR A 69 -8.76 -38.63 11.34
C THR A 69 -7.43 -38.80 10.63
N LYS A 70 -7.46 -39.50 9.52
CA LYS A 70 -6.28 -39.79 8.70
C LYS A 70 -5.68 -41.08 9.25
N SER A 71 -6.20 -41.50 10.40
CA SER A 71 -5.76 -42.73 11.04
C SER A 71 -6.55 -43.86 10.40
N VAL A 72 -5.90 -44.60 9.51
CA VAL A 72 -6.55 -45.69 8.80
C VAL A 72 -7.74 -45.08 8.06
N ASN A 73 -8.96 -45.47 8.43
CA ASN A 73 -10.17 -44.94 7.79
C ASN A 73 -10.18 -45.20 6.29
N GLU A 74 -9.04 -45.66 5.79
CA GLU A 74 -8.82 -45.97 4.38
C GLU A 74 -8.61 -44.72 3.54
N THR A 75 -9.69 -43.98 3.33
CA THR A 75 -9.63 -42.75 2.54
C THR A 75 -8.72 -41.71 3.17
N GLY A 76 -8.61 -41.74 4.49
CA GLY A 76 -7.77 -40.78 5.18
C GLY A 76 -6.33 -40.92 4.75
N LYS A 77 -5.83 -42.15 4.68
CA LYS A 77 -4.46 -42.42 4.28
C LYS A 77 -4.25 -41.99 2.83
N GLU A 78 -5.26 -42.19 2.00
CA GLU A 78 -5.17 -41.82 0.59
C GLU A 78 -4.96 -40.32 0.44
N LYS A 79 -5.62 -39.54 1.30
CA LYS A 79 -5.49 -38.09 1.24
C LYS A 79 -4.12 -37.61 1.70
N LEU A 80 -3.58 -38.22 2.74
CA LEU A 80 -2.25 -37.85 3.24
C LEU A 80 -1.22 -38.24 2.18
N LEU A 81 -1.52 -39.32 1.47
CA LEU A 81 -0.64 -39.83 0.43
C LEU A 81 -0.50 -38.80 -0.69
N ILE A 82 -1.61 -38.13 -1.01
CA ILE A 82 -1.62 -37.11 -2.05
C ILE A 82 -0.49 -36.13 -1.84
N SER A 83 -0.28 -35.74 -0.59
CA SER A 83 0.77 -34.79 -0.24
C SER A 83 2.13 -35.38 -0.56
N LYS A 84 2.28 -36.69 -0.33
CA LYS A 84 3.55 -37.35 -0.60
C LYS A 84 3.87 -37.39 -2.08
N ILE A 85 2.92 -37.87 -2.89
CA ILE A 85 3.13 -37.94 -4.33
C ILE A 85 3.46 -36.57 -4.92
N PHE A 86 2.98 -35.51 -4.28
CA PHE A 86 3.25 -34.15 -4.75
C PHE A 86 4.75 -33.85 -4.61
N THR A 87 5.40 -34.59 -3.71
CA THR A 87 6.83 -34.41 -3.47
C THR A 87 7.63 -35.50 -4.19
N ASN A 88 6.94 -36.58 -4.55
CA ASN A 88 7.57 -37.70 -5.23
C ASN A 88 6.66 -38.16 -6.36
N PRO A 89 6.60 -37.36 -7.45
CA PRO A 89 5.76 -37.66 -8.62
C PRO A 89 5.97 -39.04 -9.25
N ASP A 90 7.09 -39.67 -8.94
CA ASP A 90 7.40 -40.99 -9.48
C ASP A 90 6.40 -42.02 -8.94
N LEU A 91 5.70 -41.65 -7.87
CA LEU A 91 4.72 -42.54 -7.25
C LEU A 91 3.30 -42.30 -7.76
N PHE A 92 3.16 -41.45 -8.78
CA PHE A 92 1.85 -41.16 -9.35
C PHE A 92 1.29 -42.40 -10.05
N ASP A 93 1.87 -42.70 -11.21
CA ASP A 93 1.49 -43.85 -12.03
C ASP A 93 0.78 -44.97 -11.26
N LYS A 94 1.53 -45.70 -10.45
CA LYS A 94 1.01 -46.83 -9.68
C LYS A 94 -0.26 -46.51 -8.89
N ASN A 95 -0.18 -45.49 -8.04
CA ASN A 95 -1.32 -45.11 -7.19
C ASN A 95 -2.56 -44.63 -7.94
N PHE A 96 -2.37 -43.78 -8.95
CA PHE A 96 -3.49 -43.26 -9.72
C PHE A 96 -4.29 -44.41 -10.31
N GLN A 97 -3.58 -45.35 -10.95
CA GLN A 97 -4.22 -46.52 -11.57
C GLN A 97 -5.09 -47.25 -10.57
N ARG A 98 -4.83 -47.01 -9.28
CA ARG A 98 -5.57 -47.64 -8.20
C ARG A 98 -6.81 -46.85 -7.81
N ILE A 99 -6.65 -45.53 -7.65
CA ILE A 99 -7.74 -44.65 -7.26
C ILE A 99 -8.72 -44.37 -8.40
N GLU A 100 -8.18 -43.99 -9.55
CA GLU A 100 -8.98 -43.66 -10.73
C GLU A 100 -10.25 -44.49 -10.94
N PRO A 101 -10.13 -45.83 -10.94
CA PRO A 101 -11.31 -46.68 -11.14
C PRO A 101 -12.36 -46.63 -10.03
N LYS A 102 -11.95 -46.25 -8.83
CA LYS A 102 -12.90 -46.18 -7.70
C LYS A 102 -13.17 -44.74 -7.29
N ARG A 103 -13.14 -43.84 -8.27
CA ARG A 103 -13.38 -42.42 -8.02
C ARG A 103 -14.83 -42.09 -7.70
N LEU A 104 -15.76 -42.93 -8.16
CA LEU A 104 -17.17 -42.68 -7.90
C LEU A 104 -17.75 -43.59 -6.82
N THR A 105 -16.88 -44.29 -6.10
CA THR A 105 -17.31 -45.20 -5.05
C THR A 105 -17.94 -44.41 -3.90
N SER A 106 -17.38 -43.24 -3.62
CA SER A 106 -17.87 -42.36 -2.56
C SER A 106 -17.36 -40.95 -2.79
N LEU A 107 -18.04 -39.97 -2.20
CA LEU A 107 -17.64 -38.57 -2.35
C LEU A 107 -16.21 -38.39 -1.87
N GLN A 108 -15.79 -39.23 -0.92
CA GLN A 108 -14.44 -39.15 -0.39
C GLN A 108 -13.42 -39.52 -1.45
N TYR A 109 -13.68 -40.63 -2.15
CA TYR A 109 -12.78 -41.08 -3.19
C TYR A 109 -12.72 -40.13 -4.38
N PHE A 110 -13.82 -39.46 -4.68
CA PHE A 110 -13.83 -38.53 -5.80
C PHE A 110 -12.91 -37.36 -5.50
N SER A 111 -12.96 -36.86 -4.27
CA SER A 111 -12.11 -35.74 -3.87
C SER A 111 -10.66 -36.17 -3.96
N ILE A 112 -10.38 -37.43 -3.63
CA ILE A 112 -9.02 -37.96 -3.69
C ILE A 112 -8.62 -37.99 -5.16
N TYR A 113 -9.55 -38.42 -6.01
CA TYR A 113 -9.33 -38.50 -7.45
C TYR A 113 -8.93 -37.13 -8.00
N LEU A 114 -9.66 -36.09 -7.60
CA LEU A 114 -9.37 -34.73 -8.06
C LEU A 114 -8.01 -34.26 -7.56
N GLY A 115 -7.59 -34.79 -6.42
CA GLY A 115 -6.31 -34.40 -5.87
C GLY A 115 -5.20 -34.91 -6.77
N TYR A 116 -5.37 -36.12 -7.30
CA TYR A 116 -4.41 -36.73 -8.20
C TYR A 116 -4.30 -35.98 -9.52
N ILE A 117 -5.45 -35.59 -10.06
CA ILE A 117 -5.48 -34.86 -11.31
C ILE A 117 -4.64 -33.59 -11.18
N SER A 118 -4.66 -33.00 -9.99
CA SER A 118 -3.88 -31.79 -9.73
C SER A 118 -2.38 -32.09 -9.78
N ILE A 119 -2.00 -33.29 -9.36
CA ILE A 119 -0.59 -33.67 -9.39
C ILE A 119 -0.19 -33.87 -10.85
N ALA A 120 -1.04 -34.56 -11.60
CA ALA A 120 -0.79 -34.81 -13.02
C ALA A 120 -0.66 -33.50 -13.79
N HIS A 121 -1.54 -32.55 -13.50
CA HIS A 121 -1.50 -31.26 -14.19
C HIS A 121 -0.25 -30.48 -13.80
N HIS A 122 0.15 -30.58 -12.54
CA HIS A 122 1.32 -29.86 -12.07
C HIS A 122 2.62 -30.44 -12.63
N TYR A 123 2.64 -31.74 -12.89
CA TYR A 123 3.81 -32.36 -13.44
C TYR A 123 3.62 -32.71 -14.92
N ASN A 124 2.66 -32.02 -15.53
CA ASN A 124 2.37 -32.21 -16.95
C ASN A 124 2.14 -33.67 -17.32
N ILE A 125 1.84 -34.50 -16.33
CA ILE A 125 1.58 -35.92 -16.55
C ILE A 125 0.27 -36.06 -17.30
N GLU A 126 0.22 -36.94 -18.30
CA GLU A 126 -0.99 -37.12 -19.08
C GLU A 126 -2.07 -37.89 -18.35
N VAL A 127 -3.31 -37.42 -18.52
CA VAL A 127 -4.48 -38.03 -17.91
C VAL A 127 -5.68 -37.86 -18.85
N PRO A 128 -5.60 -38.49 -20.03
CA PRO A 128 -6.66 -38.42 -21.05
C PRO A 128 -8.05 -38.79 -20.52
N THR A 129 -8.11 -39.78 -19.65
CA THR A 129 -9.36 -40.22 -19.07
C THR A 129 -10.16 -39.07 -18.47
N PHE A 130 -9.46 -38.16 -17.79
CA PHE A 130 -10.08 -37.01 -17.15
C PHE A 130 -11.06 -36.25 -18.04
N ASN A 131 -10.53 -35.49 -19.00
CA ASN A 131 -11.34 -34.69 -19.92
C ASN A 131 -12.51 -35.46 -20.53
N LYS A 132 -12.40 -36.79 -20.56
CA LYS A 132 -13.45 -37.62 -21.15
C LYS A 132 -14.41 -38.18 -20.11
N THR A 133 -14.28 -37.74 -18.86
CA THR A 133 -15.16 -38.25 -17.81
C THR A 133 -15.74 -37.22 -16.85
N ILE A 134 -14.97 -36.19 -16.48
CA ILE A 134 -15.46 -35.18 -15.54
C ILE A 134 -16.91 -34.76 -15.73
N THR A 135 -17.24 -34.24 -16.91
CA THR A 135 -18.60 -33.80 -17.21
C THR A 135 -19.63 -34.82 -16.72
N SER A 136 -19.46 -36.06 -17.16
CA SER A 136 -20.36 -37.14 -16.78
C SER A 136 -20.31 -37.36 -15.27
N ASP A 137 -19.09 -37.41 -14.74
CA ASP A 137 -18.87 -37.61 -13.32
C ASP A 137 -19.64 -36.58 -12.50
N LEU A 138 -19.47 -35.31 -12.87
CA LEU A 138 -20.15 -34.23 -12.17
C LEU A 138 -21.66 -34.38 -12.30
N LYS A 139 -22.11 -34.68 -13.51
CA LYS A 139 -23.54 -34.87 -13.75
C LYS A 139 -24.03 -35.94 -12.78
N HIS A 140 -23.38 -37.10 -12.86
CA HIS A 140 -23.70 -38.23 -12.00
C HIS A 140 -23.75 -37.89 -10.51
N LEU A 141 -22.79 -37.09 -10.06
CA LEU A 141 -22.70 -36.72 -8.64
C LEU A 141 -23.63 -35.63 -8.10
N TYR A 142 -23.90 -34.59 -8.89
CA TYR A 142 -24.73 -33.48 -8.39
C TYR A 142 -26.05 -33.19 -9.09
N ASP A 143 -26.25 -33.78 -10.27
CA ASP A 143 -27.49 -33.56 -11.03
C ASP A 143 -28.76 -33.54 -10.18
N LYS A 144 -28.86 -34.46 -9.22
CA LYS A 144 -30.06 -34.54 -8.38
C LYS A 144 -29.81 -34.27 -6.90
N ARG A 145 -28.88 -33.37 -6.60
CA ARG A 145 -28.58 -33.06 -5.21
C ARG A 145 -29.47 -31.95 -4.64
N THR A 146 -29.65 -32.00 -3.32
CA THR A 146 -30.47 -31.02 -2.61
C THR A 146 -29.66 -30.31 -1.52
N THR A 147 -29.14 -31.10 -0.59
CA THR A 147 -28.35 -30.57 0.51
C THR A 147 -26.90 -31.00 0.33
N PHE A 148 -25.96 -30.15 0.73
CA PHE A 148 -24.56 -30.47 0.58
C PHE A 148 -23.82 -30.61 1.91
N PHE A 149 -22.85 -31.52 1.92
CA PHE A 149 -22.07 -31.78 3.12
C PHE A 149 -20.64 -31.27 2.94
N GLY A 150 -19.88 -31.26 4.03
CA GLY A 150 -18.51 -30.78 3.97
C GLY A 150 -17.69 -31.33 2.82
N ILE A 151 -17.77 -32.64 2.61
CA ILE A 151 -17.03 -33.29 1.54
C ILE A 151 -17.37 -32.71 0.17
N ASP A 152 -18.61 -32.23 0.02
CA ASP A 152 -19.03 -31.64 -1.26
C ASP A 152 -18.26 -30.35 -1.51
N TYR A 153 -18.19 -29.50 -0.49
CA TYR A 153 -17.46 -28.24 -0.62
C TYR A 153 -15.98 -28.52 -0.84
N GLU A 154 -15.51 -29.64 -0.30
CA GLU A 154 -14.12 -30.04 -0.47
C GLU A 154 -13.91 -30.40 -1.93
N ILE A 155 -14.82 -31.20 -2.48
CA ILE A 155 -14.77 -31.61 -3.87
C ILE A 155 -14.74 -30.38 -4.78
N VAL A 156 -15.74 -29.51 -4.63
CA VAL A 156 -15.83 -28.31 -5.45
C VAL A 156 -14.59 -27.45 -5.28
N SER A 157 -14.04 -27.42 -4.07
CA SER A 157 -12.86 -26.63 -3.78
C SER A 157 -11.67 -27.14 -4.60
N ASN A 158 -11.50 -28.46 -4.64
CA ASN A 158 -10.39 -29.05 -5.38
C ASN A 158 -10.70 -29.11 -6.87
N LEU A 159 -11.99 -29.06 -7.20
CA LEU A 159 -12.42 -29.11 -8.59
C LEU A 159 -12.07 -27.81 -9.31
N LEU A 160 -12.12 -26.70 -8.58
CA LEU A 160 -11.79 -25.40 -9.15
C LEU A 160 -10.32 -25.29 -9.57
N ASN A 161 -9.50 -26.20 -9.08
CA ASN A 161 -8.07 -26.19 -9.39
C ASN A 161 -7.71 -27.05 -10.60
N VAL A 162 -8.68 -27.80 -11.11
CA VAL A 162 -8.43 -28.67 -12.26
C VAL A 162 -9.45 -28.52 -13.38
N LEU A 163 -10.39 -27.61 -13.23
CA LEU A 163 -11.41 -27.43 -14.25
C LEU A 163 -11.78 -25.95 -14.39
N PRO A 164 -11.90 -25.46 -15.63
CA PRO A 164 -12.27 -24.06 -15.90
C PRO A 164 -13.46 -23.60 -15.07
N TYR A 165 -13.39 -22.38 -14.57
CA TYR A 165 -14.46 -21.83 -13.74
C TYR A 165 -15.85 -21.93 -14.39
N GLU A 166 -15.93 -21.65 -15.68
CA GLU A 166 -17.21 -21.69 -16.38
C GLU A 166 -17.95 -23.01 -16.17
N GLU A 167 -17.21 -24.09 -15.98
CA GLU A 167 -17.83 -25.40 -15.80
C GLU A 167 -18.23 -25.68 -14.35
N VAL A 168 -17.41 -25.24 -13.41
CA VAL A 168 -17.68 -25.45 -11.99
C VAL A 168 -18.70 -24.45 -11.46
N SER A 169 -18.75 -23.29 -12.10
CA SER A 169 -19.66 -22.20 -11.71
C SER A 169 -21.05 -22.66 -11.29
N SER A 170 -21.73 -23.38 -12.17
CA SER A 170 -23.09 -23.87 -11.93
C SER A 170 -23.24 -24.78 -10.71
N ILE A 171 -22.19 -25.52 -10.38
CA ILE A 171 -22.26 -26.44 -9.25
C ILE A 171 -22.13 -25.73 -7.91
N ILE A 172 -21.50 -24.56 -7.93
CA ILE A 172 -21.28 -23.78 -6.71
C ILE A 172 -22.51 -23.05 -6.19
N LYS A 173 -23.13 -22.24 -7.05
CA LYS A 173 -24.30 -21.45 -6.71
C LYS A 173 -25.34 -22.09 -5.79
N PRO A 174 -25.76 -23.32 -6.07
CA PRO A 174 -26.75 -23.97 -5.21
C PRO A 174 -26.26 -24.25 -3.80
N MSE A 175 -24.93 -24.32 -3.63
CA MSE A 175 -24.32 -24.60 -2.35
C MSE A 175 -24.30 -23.42 -1.38
O MSE A 175 -23.95 -23.57 -0.21
CB MSE A 175 -22.90 -25.11 -2.56
CG MSE A 175 -22.81 -26.26 -3.53
SE MSE A 175 -21.04 -26.92 -3.65
CE MSE A 175 -21.14 -28.27 -2.29
N TYR A 176 -24.67 -22.24 -1.87
CA TYR A 176 -24.69 -21.05 -1.04
C TYR A 176 -26.02 -20.31 -1.19
N PRO A 177 -26.36 -19.46 -0.21
CA PRO A 177 -25.58 -19.13 0.99
C PRO A 177 -25.62 -20.24 2.04
N ILE A 178 -24.72 -20.16 3.01
CA ILE A 178 -24.66 -21.11 4.10
C ILE A 178 -25.57 -20.58 5.19
N VAL A 179 -26.25 -21.46 5.91
CA VAL A 179 -27.14 -21.00 6.98
C VAL A 179 -26.77 -21.50 8.37
N ASP A 180 -26.04 -22.60 8.44
CA ASP A 180 -25.64 -23.15 9.73
C ASP A 180 -24.31 -23.87 9.69
N SER A 181 -23.65 -23.97 10.84
CA SER A 181 -22.37 -24.64 10.95
C SER A 181 -22.54 -26.09 11.37
N PHE A 182 -21.70 -26.97 10.85
CA PHE A 182 -21.76 -28.39 11.17
C PHE A 182 -20.38 -28.94 11.47
N GLY A 183 -19.63 -28.23 12.30
CA GLY A 183 -18.30 -28.66 12.67
C GLY A 183 -17.24 -27.77 12.06
N LYS A 184 -16.07 -27.74 12.68
CA LYS A 184 -14.97 -26.90 12.19
C LYS A 184 -14.45 -27.35 10.83
N ASP A 185 -14.44 -28.65 10.58
CA ASP A 185 -13.98 -29.18 9.29
C ASP A 185 -14.92 -28.76 8.18
N TYR A 186 -16.19 -28.57 8.53
CA TYR A 186 -17.19 -28.15 7.58
C TYR A 186 -17.01 -26.67 7.28
N ASP A 187 -16.74 -25.91 8.33
CA ASP A 187 -16.54 -24.48 8.19
C ASP A 187 -15.27 -24.18 7.42
N LEU A 188 -14.32 -25.11 7.47
CA LEU A 188 -13.05 -24.95 6.78
C LEU A 188 -13.24 -25.06 5.26
N THR A 189 -13.93 -26.11 4.84
CA THR A 189 -14.15 -26.35 3.43
C THR A 189 -15.08 -25.34 2.76
N ILE A 190 -16.13 -24.93 3.47
CA ILE A 190 -17.07 -23.96 2.89
C ILE A 190 -16.38 -22.62 2.67
N GLN A 191 -15.35 -22.34 3.47
CA GLN A 191 -14.60 -21.09 3.34
C GLN A 191 -13.61 -21.22 2.19
N THR A 192 -13.08 -22.43 2.00
CA THR A 192 -12.11 -22.67 0.94
C THR A 192 -12.70 -22.46 -0.45
N VAL A 193 -13.94 -22.90 -0.64
CA VAL A 193 -14.61 -22.73 -1.93
C VAL A 193 -14.68 -21.25 -2.29
N LEU A 194 -15.09 -20.42 -1.32
CA LEU A 194 -15.20 -18.99 -1.52
C LEU A 194 -13.84 -18.35 -1.78
N LYS A 195 -12.83 -18.79 -1.03
CA LYS A 195 -11.47 -18.26 -1.19
C LYS A 195 -10.93 -18.57 -2.56
N ASN A 196 -11.07 -19.82 -2.99
CA ASN A 196 -10.59 -20.27 -4.30
C ASN A 196 -11.34 -19.59 -5.44
N ALA A 197 -12.65 -19.51 -5.28
CA ALA A 197 -13.50 -18.88 -6.29
C ALA A 197 -13.19 -17.40 -6.44
N LEU A 198 -13.10 -16.71 -5.30
CA LEU A 198 -12.82 -15.29 -5.30
C LEU A 198 -11.47 -15.01 -5.98
N THR A 199 -10.53 -15.93 -5.82
CA THR A 199 -9.21 -15.78 -6.43
C THR A 199 -9.32 -15.86 -7.96
N ILE A 200 -9.91 -16.94 -8.45
CA ILE A 200 -10.09 -17.13 -9.89
C ILE A 200 -10.91 -16.00 -10.48
N SER A 201 -11.91 -15.53 -9.74
CA SER A 201 -12.77 -14.44 -10.19
C SER A 201 -11.99 -13.14 -10.39
N ILE A 202 -11.25 -12.74 -9.37
CA ILE A 202 -10.44 -11.52 -9.43
C ILE A 202 -9.34 -11.64 -10.47
N MSE A 203 -8.78 -12.85 -10.61
CA MSE A 203 -7.71 -13.05 -11.58
C MSE A 203 -8.20 -12.92 -13.02
O MSE A 203 -7.57 -12.25 -13.82
CB MSE A 203 -7.03 -14.40 -11.36
CG MSE A 203 -6.13 -14.40 -10.14
SE MSE A 203 -4.59 -15.54 -10.35
CE MSE A 203 -5.14 -16.98 -9.21
N ASN A 204 -9.33 -13.56 -13.32
CA ASN A 204 -9.89 -13.50 -14.68
C ASN A 204 -10.67 -12.21 -14.89
N ARG A 205 -10.65 -11.34 -13.88
CA ARG A 205 -11.36 -10.07 -13.94
C ARG A 205 -12.87 -10.21 -14.11
N ASN A 206 -13.47 -11.13 -13.36
CA ASN A 206 -14.91 -11.33 -13.41
C ASN A 206 -15.46 -10.65 -12.16
N LEU A 207 -15.29 -9.32 -12.12
CA LEU A 207 -15.69 -8.52 -10.98
C LEU A 207 -17.08 -8.71 -10.39
N LYS A 208 -18.03 -9.21 -11.18
CA LYS A 208 -19.38 -9.43 -10.65
C LYS A 208 -19.39 -10.71 -9.83
N GLU A 209 -18.63 -11.70 -10.29
CA GLU A 209 -18.51 -12.97 -9.58
C GLU A 209 -17.73 -12.73 -8.30
N ALA A 210 -16.66 -11.95 -8.42
CA ALA A 210 -15.82 -11.64 -7.27
C ALA A 210 -16.64 -11.03 -6.13
N GLN A 211 -17.52 -10.08 -6.46
CA GLN A 211 -18.33 -9.45 -5.42
C GLN A 211 -19.23 -10.48 -4.74
N TYR A 212 -19.82 -11.36 -5.54
CA TYR A 212 -20.69 -12.39 -5.03
C TYR A 212 -19.99 -13.17 -3.91
N TYR A 213 -18.78 -13.63 -4.19
CA TYR A 213 -18.01 -14.40 -3.23
C TYR A 213 -17.57 -13.58 -2.02
N ILE A 214 -17.25 -12.31 -2.24
CA ILE A 214 -16.84 -11.46 -1.13
C ILE A 214 -18.03 -11.32 -0.19
N ASN A 215 -19.23 -11.29 -0.76
CA ASN A 215 -20.45 -11.16 0.04
C ASN A 215 -20.81 -12.46 0.74
N GLN A 216 -20.54 -13.60 0.09
CA GLN A 216 -20.84 -14.88 0.69
C GLN A 216 -19.96 -15.14 1.90
N PHE A 217 -18.70 -14.71 1.83
CA PHE A 217 -17.78 -14.89 2.94
C PHE A 217 -18.21 -13.99 4.08
N GLU A 218 -18.61 -12.77 3.74
CA GLU A 218 -19.05 -11.80 4.72
C GLU A 218 -20.31 -12.29 5.41
N HIS A 219 -21.11 -13.06 4.68
CA HIS A 219 -22.34 -13.61 5.23
C HIS A 219 -22.01 -14.64 6.31
N LEU A 220 -20.96 -15.42 6.09
CA LEU A 220 -20.56 -16.44 7.05
C LEU A 220 -20.24 -15.83 8.40
N LYS A 221 -19.76 -14.58 8.40
CA LYS A 221 -19.43 -13.92 9.66
C LYS A 221 -20.65 -13.54 10.48
N THR A 222 -21.83 -13.69 9.89
CA THR A 222 -23.06 -13.37 10.60
C THR A 222 -23.65 -14.62 11.24
N ILE A 223 -23.13 -15.78 10.84
CA ILE A 223 -23.61 -17.05 11.36
C ILE A 223 -22.75 -17.50 12.54
N LYS A 224 -23.13 -17.08 13.75
CA LYS A 224 -22.39 -17.50 14.93
C LYS A 224 -22.27 -19.03 14.85
N ASN A 225 -21.13 -19.56 15.27
CA ASN A 225 -20.85 -21.00 15.26
C ASN A 225 -20.07 -21.45 14.03
N ILE A 226 -19.96 -20.58 13.04
CA ILE A 226 -19.21 -20.93 11.84
C ILE A 226 -17.71 -21.02 12.09
N SER A 227 -17.21 -20.14 12.96
CA SER A 227 -15.77 -20.16 13.27
C SER A 227 -14.94 -19.92 12.01
N ILE A 228 -14.64 -18.66 11.70
CA ILE A 228 -13.88 -18.38 10.51
C ILE A 228 -12.38 -18.58 10.66
N ASN A 229 -11.74 -18.97 9.56
CA ASN A 229 -10.31 -19.22 9.51
C ASN A 229 -9.54 -17.90 9.46
N GLY A 230 -8.73 -17.65 10.47
CA GLY A 230 -7.96 -16.42 10.51
C GLY A 230 -7.16 -16.19 9.25
N TYR A 231 -6.39 -17.19 8.84
CA TYR A 231 -5.58 -17.08 7.64
C TYR A 231 -6.41 -16.74 6.42
N TYR A 232 -7.58 -17.36 6.30
CA TYR A 232 -8.47 -17.11 5.18
C TYR A 232 -8.99 -15.69 5.25
N ASP A 233 -9.29 -15.23 6.45
CA ASP A 233 -9.80 -13.89 6.66
C ASP A 233 -8.78 -12.89 6.09
N LEU A 234 -7.50 -13.16 6.33
CA LEU A 234 -6.43 -12.31 5.84
C LEU A 234 -6.34 -12.37 4.32
N GLU A 235 -6.22 -13.59 3.80
CA GLU A 235 -6.12 -13.79 2.36
C GLU A 235 -7.34 -13.24 1.61
N ILE A 236 -8.54 -13.57 2.09
CA ILE A 236 -9.76 -13.11 1.44
C ILE A 236 -9.85 -11.58 1.45
N ASN A 237 -9.40 -10.96 2.54
CA ASN A 237 -9.44 -9.50 2.65
C ASN A 237 -8.49 -8.85 1.67
N TYR A 238 -7.35 -9.50 1.41
CA TYR A 238 -6.37 -8.97 0.47
C TYR A 238 -6.98 -8.97 -0.91
N LEU A 239 -7.75 -10.02 -1.21
CA LEU A 239 -8.41 -10.12 -2.49
C LEU A 239 -9.49 -9.06 -2.53
N LYS A 240 -10.13 -8.86 -1.39
CA LYS A 240 -11.19 -7.86 -1.29
C LYS A 240 -10.61 -6.47 -1.56
N GLN A 241 -9.37 -6.27 -1.13
CA GLN A 241 -8.69 -5.00 -1.34
C GLN A 241 -8.26 -4.84 -2.79
N ILE A 242 -7.88 -5.94 -3.44
CA ILE A 242 -7.48 -5.87 -4.83
C ILE A 242 -8.72 -5.62 -5.67
N TYR A 243 -9.83 -6.20 -5.23
CA TYR A 243 -11.10 -6.03 -5.92
C TYR A 243 -11.43 -4.54 -5.97
N GLN A 244 -11.42 -3.92 -4.80
CA GLN A 244 -11.72 -2.49 -4.70
C GLN A 244 -10.79 -1.68 -5.58
N PHE A 245 -9.49 -1.99 -5.55
CA PHE A 245 -8.54 -1.25 -6.36
C PHE A 245 -8.88 -1.32 -7.84
N LEU A 246 -9.34 -2.47 -8.29
CA LEU A 246 -9.70 -2.64 -9.70
C LEU A 246 -10.97 -1.89 -10.08
N THR A 247 -11.72 -1.45 -9.08
CA THR A 247 -12.96 -0.71 -9.33
C THR A 247 -12.85 0.76 -8.93
N ASP A 248 -12.90 1.03 -7.63
CA ASP A 248 -12.81 2.39 -7.15
C ASP A 248 -11.42 2.98 -7.34
N LYS A 249 -10.55 2.23 -8.02
CA LYS A 249 -9.18 2.64 -8.31
C LYS A 249 -8.58 3.65 -7.33
N ASN A 250 -8.14 3.14 -6.19
CA ASN A 250 -7.52 3.97 -5.16
C ASN A 250 -6.26 3.25 -4.70
N ILE A 251 -5.11 3.89 -4.88
CA ILE A 251 -3.83 3.32 -4.51
C ILE A 251 -3.86 2.75 -3.09
N ASP A 252 -4.67 3.35 -2.23
CA ASP A 252 -4.78 2.89 -0.86
C ASP A 252 -5.19 1.42 -0.80
N SER A 253 -6.19 1.07 -1.61
CA SER A 253 -6.66 -0.31 -1.63
C SER A 253 -5.54 -1.26 -2.03
N TYR A 254 -4.75 -0.88 -3.02
CA TYR A 254 -3.64 -1.72 -3.46
C TYR A 254 -2.57 -1.83 -2.37
N LEU A 255 -2.25 -0.71 -1.74
CA LEU A 255 -1.27 -0.71 -0.67
C LEU A 255 -1.71 -1.62 0.47
N ASN A 256 -3.00 -1.63 0.74
CA ASN A 256 -3.54 -2.49 1.80
C ASN A 256 -3.32 -3.95 1.42
N ALA A 257 -3.58 -4.27 0.15
CA ALA A 257 -3.38 -5.62 -0.33
C ALA A 257 -1.94 -6.04 -0.09
N VAL A 258 -1.01 -5.16 -0.44
CA VAL A 258 0.40 -5.45 -0.25
C VAL A 258 0.71 -5.63 1.24
N ASN A 259 0.19 -4.72 2.06
CA ASN A 259 0.41 -4.77 3.49
C ASN A 259 -0.02 -6.11 4.07
N ILE A 260 -1.20 -6.58 3.65
CA ILE A 260 -1.72 -7.86 4.13
C ILE A 260 -0.80 -8.99 3.70
N ILE A 261 -0.44 -9.01 2.42
CA ILE A 261 0.45 -10.06 1.91
C ILE A 261 1.76 -10.07 2.71
N ASN A 262 2.25 -8.88 3.06
CA ASN A 262 3.49 -8.80 3.82
C ASN A 262 3.36 -9.38 5.22
N ILE A 263 2.23 -9.15 5.89
CA ILE A 263 2.03 -9.66 7.24
C ILE A 263 2.24 -11.17 7.30
N PHE A 264 1.91 -11.86 6.21
CA PHE A 264 2.10 -13.30 6.13
C PHE A 264 3.58 -13.64 6.30
N LYS A 265 4.44 -12.80 5.74
CA LYS A 265 5.88 -12.99 5.81
C LYS A 265 6.39 -12.69 7.22
N ILE A 266 5.89 -11.60 7.79
CA ILE A 266 6.30 -11.19 9.13
C ILE A 266 5.96 -12.20 10.23
N ILE A 267 4.96 -13.05 9.99
CA ILE A 267 4.58 -14.04 11.00
C ILE A 267 5.10 -15.45 10.74
N GLY A 268 6.04 -15.59 9.81
CA GLY A 268 6.60 -16.90 9.54
C GLY A 268 5.97 -17.76 8.47
N LYS A 269 4.88 -17.30 7.87
CA LYS A 269 4.21 -18.06 6.81
C LYS A 269 4.92 -17.86 5.48
N GLU A 270 6.23 -18.10 5.48
CA GLU A 270 7.07 -17.93 4.30
C GLU A 270 6.50 -18.58 3.03
N ASP A 271 6.18 -19.86 3.11
CA ASP A 271 5.66 -20.59 1.96
C ASP A 271 4.41 -19.97 1.37
N ILE A 272 3.41 -19.70 2.21
CA ILE A 272 2.18 -19.11 1.72
C ILE A 272 2.39 -17.67 1.27
N HIS A 273 3.37 -17.00 1.85
CA HIS A 273 3.66 -15.63 1.46
C HIS A 273 4.22 -15.60 0.05
N ARG A 274 5.19 -16.47 -0.21
CA ARG A 274 5.80 -16.56 -1.53
C ARG A 274 4.73 -16.78 -2.59
N SER A 275 3.79 -17.67 -2.30
CA SER A 275 2.69 -17.96 -3.22
C SER A 275 1.85 -16.71 -3.44
N LEU A 276 1.52 -16.01 -2.36
CA LEU A 276 0.74 -14.78 -2.43
C LEU A 276 1.40 -13.77 -3.36
N VAL A 277 2.69 -13.54 -3.14
CA VAL A 277 3.45 -12.60 -3.96
C VAL A 277 3.36 -12.96 -5.43
N GLU A 278 3.56 -14.25 -5.71
CA GLU A 278 3.51 -14.74 -7.08
C GLU A 278 2.14 -14.42 -7.68
N GLU A 279 1.11 -14.45 -6.84
CA GLU A 279 -0.24 -14.17 -7.28
C GLU A 279 -0.50 -12.69 -7.56
N LEU A 280 -0.01 -11.82 -6.67
CA LEU A 280 -0.17 -10.39 -6.84
C LEU A 280 0.45 -9.97 -8.17
N THR A 281 1.62 -10.54 -8.46
CA THR A 281 2.35 -10.27 -9.69
C THR A 281 1.47 -10.52 -10.90
N LYS A 282 0.78 -11.66 -10.87
CA LYS A 282 -0.11 -12.05 -11.95
C LYS A 282 -1.32 -11.13 -12.04
N ILE A 283 -1.85 -10.72 -10.90
CA ILE A 283 -3.01 -9.84 -10.90
C ILE A 283 -2.64 -8.47 -11.43
N SER A 284 -1.49 -7.96 -11.00
CA SER A 284 -1.03 -6.65 -11.43
C SER A 284 -0.76 -6.62 -12.93
N ALA A 285 -0.57 -7.80 -13.52
CA ALA A 285 -0.30 -7.90 -14.96
C ALA A 285 -1.51 -8.40 -15.75
N LYS A 286 -2.65 -8.48 -15.07
CA LYS A 286 -3.89 -8.92 -15.70
C LYS A 286 -3.81 -10.34 -16.28
N GLU A 287 -3.11 -11.23 -15.59
CA GLU A 287 -2.99 -12.62 -16.04
C GLU A 287 -4.15 -13.44 -15.49
N LYS A 288 -4.77 -14.23 -16.35
CA LYS A 288 -5.88 -15.07 -15.92
C LYS A 288 -5.38 -16.19 -15.02
N PHE A 289 -6.30 -16.86 -14.33
CA PHE A 289 -5.92 -17.94 -13.43
C PHE A 289 -5.37 -19.15 -14.18
N THR A 290 -4.19 -19.60 -13.74
CA THR A 290 -3.52 -20.76 -14.32
C THR A 290 -2.76 -21.42 -13.18
N PRO A 291 -2.97 -22.73 -12.97
CA PRO A 291 -2.25 -23.41 -11.89
C PRO A 291 -0.80 -22.95 -11.82
N PRO A 292 -0.42 -22.32 -10.70
CA PRO A 292 0.94 -21.82 -10.49
C PRO A 292 1.96 -22.93 -10.27
N LYS A 293 3.15 -22.54 -9.84
CA LYS A 293 4.21 -23.51 -9.56
C LYS A 293 4.15 -23.77 -8.07
N GLU A 294 3.57 -22.81 -7.34
CA GLU A 294 3.40 -22.90 -5.91
C GLU A 294 2.04 -23.50 -5.63
N VAL A 295 2.02 -24.73 -5.11
CA VAL A 295 0.77 -25.40 -4.80
C VAL A 295 0.49 -25.38 -3.30
N THR A 296 -0.57 -24.67 -2.92
CA THR A 296 -0.95 -24.57 -1.52
C THR A 296 -2.00 -25.63 -1.19
N MSE A 297 -1.96 -26.12 0.05
CA MSE A 297 -2.90 -27.14 0.49
C MSE A 297 -3.36 -26.85 1.90
O MSE A 297 -2.82 -25.97 2.57
CB MSE A 297 -2.25 -28.52 0.44
CG MSE A 297 -1.65 -28.87 -0.90
SE MSE A 297 -0.98 -30.66 -0.89
CE MSE A 297 -2.47 -31.50 -1.79
N TYR A 298 -4.36 -27.59 2.37
CA TYR A 298 -4.85 -27.40 3.72
C TYR A 298 -5.35 -28.70 4.32
N TYR A 299 -4.60 -29.21 5.30
CA TYR A 299 -4.98 -30.43 6.00
C TYR A 299 -5.38 -29.96 7.38
N GLU A 300 -4.39 -29.80 8.24
CA GLU A 300 -4.62 -29.34 9.58
C GLU A 300 -4.05 -27.93 9.65
N ASN A 301 -3.36 -27.53 8.58
CA ASN A 301 -2.76 -26.20 8.48
C ASN A 301 -2.62 -25.75 7.03
N TYR A 302 -2.34 -24.46 6.86
CA TYR A 302 -2.19 -23.85 5.54
C TYR A 302 -0.73 -24.00 5.15
N VAL A 303 -0.44 -24.93 4.23
CA VAL A 303 0.94 -25.17 3.81
C VAL A 303 1.15 -25.13 2.31
N ALA A 304 2.41 -25.11 1.91
CA ALA A 304 2.78 -25.10 0.51
C ALA A 304 3.53 -26.39 0.20
N ILE A 305 3.77 -26.65 -1.07
CA ILE A 305 4.47 -27.87 -1.47
C ILE A 305 5.99 -27.72 -1.52
N GLU A 306 6.46 -26.88 -2.43
CA GLU A 306 7.90 -26.64 -2.61
C GLU A 306 8.18 -25.94 -3.94
N MSE B 1 -31.05 -40.18 23.18
CA MSE B 1 -30.31 -38.89 23.10
C MSE B 1 -30.61 -38.12 21.81
O MSE B 1 -31.77 -37.82 21.52
CB MSE B 1 -28.80 -39.13 23.21
CG MSE B 1 -28.31 -39.23 24.65
SE MSE B 1 -28.52 -37.55 25.58
CE MSE B 1 -26.79 -37.47 26.45
N PHE B 2 -29.57 -37.81 21.04
CA PHE B 2 -29.73 -37.09 19.79
C PHE B 2 -30.22 -38.07 18.73
N LYS B 3 -30.87 -37.55 17.70
CA LYS B 3 -31.40 -38.41 16.64
C LYS B 3 -30.38 -38.69 15.54
N ILE B 4 -29.36 -39.48 15.88
CA ILE B 4 -28.33 -39.83 14.90
C ILE B 4 -28.95 -40.63 13.77
N GLY B 5 -30.06 -41.31 14.07
CA GLY B 5 -30.73 -42.12 13.08
C GLY B 5 -31.33 -41.33 11.93
N SER B 6 -32.17 -40.36 12.27
CA SER B 6 -32.80 -39.52 11.25
C SER B 6 -31.75 -38.93 10.32
N VAL B 7 -30.64 -38.48 10.90
CA VAL B 7 -29.55 -37.90 10.13
C VAL B 7 -29.01 -38.92 9.12
N LEU B 8 -28.79 -40.15 9.58
CA LEU B 8 -28.28 -41.19 8.71
C LEU B 8 -29.21 -41.40 7.50
N LYS B 9 -30.52 -41.46 7.76
CA LYS B 9 -31.47 -41.65 6.67
C LYS B 9 -31.39 -40.44 5.75
N GLN B 10 -31.36 -39.26 6.34
CA GLN B 10 -31.27 -38.02 5.59
C GLN B 10 -30.12 -38.06 4.59
N ILE B 11 -28.91 -38.30 5.10
CA ILE B 11 -27.73 -38.35 4.24
C ILE B 11 -27.81 -39.47 3.21
N ARG B 12 -28.28 -40.65 3.62
CA ARG B 12 -28.38 -41.78 2.71
C ARG B 12 -29.27 -41.46 1.52
N GLN B 13 -30.46 -40.93 1.81
CA GLN B 13 -31.42 -40.58 0.77
C GLN B 13 -30.88 -39.48 -0.14
N GLU B 14 -30.36 -38.42 0.46
CA GLU B 14 -29.81 -37.30 -0.30
C GLU B 14 -28.76 -37.77 -1.30
N LEU B 15 -27.97 -38.77 -0.90
CA LEU B 15 -26.93 -39.30 -1.76
C LEU B 15 -27.45 -40.46 -2.58
N ASN B 16 -28.74 -40.75 -2.42
CA ASN B 16 -29.40 -41.83 -3.13
C ASN B 16 -28.77 -43.21 -2.91
N TYR B 17 -28.66 -43.61 -1.64
CA TYR B 17 -28.12 -44.91 -1.27
C TYR B 17 -29.25 -45.73 -0.67
N HIS B 18 -29.27 -47.03 -0.97
CA HIS B 18 -30.31 -47.90 -0.41
C HIS B 18 -29.83 -48.49 0.89
N GLN B 19 -30.77 -48.87 1.75
CA GLN B 19 -30.44 -49.45 3.05
C GLN B 19 -29.43 -50.59 2.93
N ILE B 20 -29.59 -51.39 1.88
CA ILE B 20 -28.71 -52.53 1.66
C ILE B 20 -27.28 -52.07 1.43
N ASP B 21 -27.11 -50.80 1.07
CA ASP B 21 -25.79 -50.24 0.81
C ASP B 21 -25.04 -49.88 2.11
N LEU B 22 -25.78 -49.80 3.21
CA LEU B 22 -25.17 -49.43 4.48
C LEU B 22 -24.99 -50.59 5.47
N TYR B 23 -26.07 -51.32 5.72
CA TYR B 23 -26.01 -52.44 6.68
C TYR B 23 -25.39 -53.72 6.15
N SER B 24 -25.22 -53.81 4.82
CA SER B 24 -24.65 -55.02 4.21
C SER B 24 -23.26 -55.30 4.77
N GLY B 25 -23.19 -56.27 5.68
CA GLY B 25 -21.92 -56.63 6.27
C GLY B 25 -21.74 -56.02 7.66
N ILE B 26 -22.72 -55.24 8.09
CA ILE B 26 -22.66 -54.58 9.40
C ILE B 26 -23.76 -55.07 10.33
N MSE B 27 -24.98 -55.17 9.83
CA MSE B 27 -26.10 -55.64 10.63
C MSE B 27 -27.29 -56.07 9.79
O MSE B 27 -27.31 -55.89 8.57
CB MSE B 27 -26.53 -54.54 11.61
CG MSE B 27 -26.94 -53.24 10.96
SE MSE B 27 -27.52 -51.94 12.25
CE MSE B 27 -25.80 -51.32 12.85
N SER B 28 -28.30 -56.65 10.45
CA SER B 28 -29.49 -57.12 9.76
C SER B 28 -30.38 -55.94 9.36
N LYS B 29 -31.08 -56.10 8.23
CA LYS B 29 -31.97 -55.07 7.74
C LYS B 29 -33.04 -54.75 8.77
N SER B 30 -33.29 -55.71 9.66
CA SER B 30 -34.30 -55.55 10.70
C SER B 30 -33.90 -54.49 11.72
N VAL B 31 -32.77 -54.70 12.38
CA VAL B 31 -32.28 -53.76 13.38
C VAL B 31 -31.88 -52.41 12.80
N TYR B 32 -31.35 -52.40 11.58
CA TYR B 32 -30.94 -51.14 10.97
C TYR B 32 -32.10 -50.16 10.92
N ILE B 33 -33.28 -50.66 10.57
CA ILE B 33 -34.47 -49.82 10.49
C ILE B 33 -34.72 -49.20 11.87
N LYS B 34 -34.36 -49.94 12.92
CA LYS B 34 -34.53 -49.47 14.29
C LYS B 34 -33.55 -48.34 14.58
N VAL B 35 -32.30 -48.51 14.16
CA VAL B 35 -31.28 -47.50 14.37
C VAL B 35 -31.70 -46.22 13.66
N GLU B 36 -32.00 -46.35 12.38
CA GLU B 36 -32.43 -45.23 11.55
C GLU B 36 -33.72 -44.59 12.07
N ALA B 37 -34.56 -45.39 12.68
CA ALA B 37 -35.82 -44.89 13.23
C ALA B 37 -35.59 -44.31 14.61
N ASP B 38 -34.33 -44.31 15.03
CA ASP B 38 -33.96 -43.79 16.35
C ASP B 38 -34.74 -44.48 17.46
N SER B 39 -34.68 -45.80 17.47
CA SER B 39 -35.37 -46.60 18.48
C SER B 39 -34.38 -47.58 19.07
N ARG B 40 -33.16 -47.58 18.52
CA ARG B 40 -32.10 -48.46 18.99
C ARG B 40 -30.80 -47.69 19.07
N PRO B 41 -30.16 -47.67 20.25
CA PRO B 41 -28.89 -46.95 20.40
C PRO B 41 -27.87 -47.43 19.37
N ILE B 42 -27.10 -46.49 18.82
CA ILE B 42 -26.09 -46.83 17.83
C ILE B 42 -24.70 -46.72 18.46
N SER B 43 -23.85 -47.72 18.24
CA SER B 43 -22.51 -47.71 18.80
C SER B 43 -21.55 -46.92 17.93
N VAL B 44 -20.51 -46.38 18.55
CA VAL B 44 -19.51 -45.60 17.84
C VAL B 44 -18.89 -46.42 16.72
N GLU B 45 -18.63 -47.69 17.00
CA GLU B 45 -18.03 -48.58 16.00
C GLU B 45 -18.90 -48.69 14.76
N GLU B 46 -20.22 -48.71 14.97
CA GLU B 46 -21.16 -48.82 13.87
C GLU B 46 -21.26 -47.52 13.08
N LEU B 47 -21.58 -46.43 13.78
CA LEU B 47 -21.69 -45.12 13.15
C LEU B 47 -20.47 -44.85 12.28
N SER B 48 -19.30 -45.20 12.81
CA SER B 48 -18.06 -45.01 12.10
C SER B 48 -18.11 -45.71 10.74
N LYS B 49 -18.60 -46.95 10.75
CA LYS B 49 -18.69 -47.72 9.51
C LYS B 49 -19.69 -47.12 8.54
N PHE B 50 -20.85 -46.69 9.05
CA PHE B 50 -21.86 -46.07 8.20
C PHE B 50 -21.26 -44.80 7.61
N SER B 51 -20.48 -44.10 8.43
CA SER B 51 -19.84 -42.86 8.02
C SER B 51 -18.97 -43.08 6.78
N GLU B 52 -18.37 -44.26 6.68
CA GLU B 52 -17.52 -44.58 5.53
C GLU B 52 -18.36 -44.97 4.34
N ARG B 53 -19.49 -45.63 4.61
CA ARG B 53 -20.41 -46.04 3.56
C ARG B 53 -20.97 -44.80 2.85
N LEU B 54 -21.45 -43.87 3.66
CA LEU B 54 -22.04 -42.63 3.16
C LEU B 54 -21.01 -41.73 2.45
N GLY B 55 -19.81 -41.64 3.03
CA GLY B 55 -18.77 -40.81 2.46
C GLY B 55 -18.73 -39.45 3.11
N VAL B 56 -19.63 -39.24 4.06
CA VAL B 56 -19.73 -37.97 4.78
C VAL B 56 -18.91 -38.06 6.07
N ASN B 57 -18.26 -36.96 6.43
CA ASN B 57 -17.43 -36.92 7.64
C ASN B 57 -18.17 -37.44 8.87
N PHE B 58 -17.46 -38.23 9.67
CA PHE B 58 -18.00 -38.82 10.88
C PHE B 58 -18.39 -37.76 11.91
N PHE B 59 -17.52 -36.80 12.15
CA PHE B 59 -17.81 -35.75 13.12
C PHE B 59 -18.89 -34.80 12.61
N GLU B 60 -18.99 -34.67 11.28
CA GLU B 60 -20.00 -33.82 10.69
C GLU B 60 -21.37 -34.44 10.95
N ILE B 61 -21.44 -35.76 10.83
CA ILE B 61 -22.69 -36.49 11.07
C ILE B 61 -23.14 -36.24 12.50
N LEU B 62 -22.21 -36.35 13.44
CA LEU B 62 -22.53 -36.11 14.84
C LEU B 62 -23.02 -34.67 15.04
N ASN B 63 -22.35 -33.73 14.38
CA ASN B 63 -22.75 -32.33 14.48
C ASN B 63 -24.19 -32.16 14.00
N ARG B 64 -24.48 -32.71 12.83
CA ARG B 64 -25.80 -32.62 12.26
C ARG B 64 -26.85 -33.24 13.17
N ALA B 65 -26.43 -34.25 13.94
CA ALA B 65 -27.33 -34.93 14.85
C ALA B 65 -27.67 -34.08 16.07
N GLY B 66 -26.86 -33.07 16.34
CA GLY B 66 -27.11 -32.22 17.48
C GLY B 66 -25.90 -32.04 18.38
N MSE B 67 -24.80 -32.73 18.05
CA MSE B 67 -23.57 -32.62 18.84
C MSE B 67 -23.05 -31.19 18.74
O MSE B 67 -21.98 -30.87 19.28
CB MSE B 67 -22.50 -33.58 18.29
CG MSE B 67 -22.87 -35.07 18.35
SE MSE B 67 -23.27 -35.74 20.12
CE MSE B 67 -24.43 -37.19 19.60
N ASN B 68 -23.83 -30.35 18.06
CA ASN B 68 -23.54 -28.94 17.89
C ASN B 68 -23.67 -28.31 19.27
N THR B 69 -23.12 -29.02 20.24
CA THR B 69 -23.12 -28.68 21.66
C THR B 69 -22.93 -27.21 22.02
N LYS B 70 -22.34 -26.99 23.18
CA LYS B 70 -22.07 -25.65 23.69
C LYS B 70 -23.40 -25.03 24.11
N SER B 71 -24.48 -25.77 23.90
CA SER B 71 -25.82 -25.32 24.26
C SER B 71 -26.72 -26.50 24.62
N VAL B 72 -26.63 -27.57 23.82
CA VAL B 72 -27.44 -28.75 24.08
C VAL B 72 -27.06 -29.39 25.40
N ASN B 73 -25.84 -29.11 25.86
CA ASN B 73 -25.36 -29.66 27.11
C ASN B 73 -25.46 -28.68 28.27
N GLU B 74 -25.84 -29.22 29.43
CA GLU B 74 -25.97 -28.46 30.67
C GLU B 74 -24.87 -27.41 30.82
N THR B 75 -23.63 -27.88 30.93
CA THR B 75 -22.49 -26.97 31.09
C THR B 75 -22.34 -26.06 29.88
N GLY B 76 -22.74 -26.56 28.71
CA GLY B 76 -22.63 -25.75 27.50
C GLY B 76 -23.44 -24.47 27.60
N LYS B 77 -24.67 -24.59 28.08
CA LYS B 77 -25.56 -23.44 28.23
C LYS B 77 -24.97 -22.46 29.24
N GLU B 78 -24.37 -22.99 30.30
CA GLU B 78 -23.77 -22.17 31.33
C GLU B 78 -22.67 -21.30 30.77
N LYS B 79 -21.90 -21.84 29.84
CA LYS B 79 -20.80 -21.11 29.21
C LYS B 79 -21.30 -20.00 28.30
N LEU B 80 -22.33 -20.28 27.52
CA LEU B 80 -22.89 -19.27 26.63
C LEU B 80 -23.54 -18.18 27.47
N LEU B 81 -24.05 -18.57 28.63
CA LEU B 81 -24.71 -17.65 29.53
C LEU B 81 -23.70 -16.63 30.06
N ILE B 82 -22.47 -17.08 30.29
CA ILE B 82 -21.42 -16.20 30.79
C ILE B 82 -21.30 -14.96 29.89
N SER B 83 -21.41 -15.16 28.59
CA SER B 83 -21.32 -14.07 27.63
C SER B 83 -22.48 -13.10 27.85
N LYS B 84 -23.64 -13.65 28.18
CA LYS B 84 -24.85 -12.86 28.42
C LYS B 84 -24.67 -11.96 29.63
N ILE B 85 -24.33 -12.55 30.77
CA ILE B 85 -24.14 -11.80 32.00
C ILE B 85 -23.11 -10.69 31.85
N PHE B 86 -22.16 -10.90 30.94
CA PHE B 86 -21.11 -9.89 30.70
C PHE B 86 -21.74 -8.65 30.09
N THR B 87 -22.92 -8.81 29.48
CA THR B 87 -23.62 -7.69 28.87
C THR B 87 -24.77 -7.24 29.77
N ASN B 88 -25.16 -8.10 30.70
CA ASN B 88 -26.23 -7.79 31.64
C ASN B 88 -25.81 -8.22 33.03
N PRO B 89 -24.88 -7.46 33.66
CA PRO B 89 -24.36 -7.74 35.00
C PRO B 89 -25.42 -7.91 36.08
N ASP B 90 -26.64 -7.42 35.83
CA ASP B 90 -27.72 -7.53 36.80
C ASP B 90 -28.09 -8.99 37.01
N LEU B 91 -27.68 -9.84 36.08
CA LEU B 91 -27.97 -11.27 36.15
C LEU B 91 -26.88 -12.07 36.84
N PHE B 92 -25.88 -11.38 37.38
CA PHE B 92 -24.78 -12.07 38.06
C PHE B 92 -25.28 -12.74 39.33
N ASP B 93 -25.57 -11.91 40.33
CA ASP B 93 -26.06 -12.36 41.63
C ASP B 93 -26.73 -13.73 41.63
N LYS B 94 -27.94 -13.80 41.06
CA LYS B 94 -28.69 -15.05 41.03
C LYS B 94 -27.95 -16.24 40.46
N ASN B 95 -27.39 -16.10 39.27
CA ASN B 95 -26.66 -17.19 38.62
C ASN B 95 -25.41 -17.65 39.36
N PHE B 96 -24.59 -16.71 39.83
CA PHE B 96 -23.37 -17.05 40.54
C PHE B 96 -23.69 -17.94 41.74
N GLN B 97 -24.65 -17.50 42.54
CA GLN B 97 -25.07 -18.23 43.73
C GLN B 97 -25.42 -19.68 43.38
N ARG B 98 -25.68 -19.91 42.09
CA ARG B 98 -26.05 -21.22 41.60
C ARG B 98 -24.82 -22.04 41.20
N ILE B 99 -23.90 -21.41 40.47
CA ILE B 99 -22.69 -22.07 40.01
C ILE B 99 -21.64 -22.26 41.11
N GLU B 100 -21.35 -21.17 41.82
CA GLU B 100 -20.34 -21.16 42.88
C GLU B 100 -20.25 -22.43 43.72
N PRO B 101 -21.38 -22.91 44.26
CA PRO B 101 -21.37 -24.13 45.08
C PRO B 101 -21.00 -25.43 44.35
N LYS B 102 -21.22 -25.45 43.04
CA LYS B 102 -20.90 -26.65 42.26
C LYS B 102 -19.71 -26.42 41.33
N ARG B 103 -18.77 -25.60 41.79
CA ARG B 103 -17.59 -25.28 41.00
C ARG B 103 -16.58 -26.43 40.94
N LEU B 104 -16.63 -27.33 41.91
CA LEU B 104 -15.69 -28.45 41.94
C LEU B 104 -16.35 -29.77 41.52
N THR B 105 -17.57 -29.69 41.00
CA THR B 105 -18.28 -30.90 40.57
C THR B 105 -17.60 -31.53 39.36
N SER B 106 -17.04 -30.68 38.49
CA SER B 106 -16.36 -31.15 37.29
C SER B 106 -15.45 -30.05 36.77
N LEU B 107 -14.43 -30.42 35.99
CA LEU B 107 -13.52 -29.43 35.42
C LEU B 107 -14.29 -28.42 34.58
N GLN B 108 -15.41 -28.85 34.02
CA GLN B 108 -16.24 -27.97 33.20
C GLN B 108 -16.84 -26.87 34.05
N TYR B 109 -17.40 -27.25 35.19
CA TYR B 109 -18.02 -26.30 36.10
C TYR B 109 -17.01 -25.32 36.71
N PHE B 110 -15.79 -25.79 36.94
CA PHE B 110 -14.77 -24.92 37.51
C PHE B 110 -14.43 -23.81 36.53
N SER B 111 -14.31 -24.16 35.25
CA SER B 111 -14.00 -23.17 34.23
C SER B 111 -15.14 -22.15 34.15
N ILE B 112 -16.37 -22.62 34.34
CA ILE B 112 -17.53 -21.76 34.31
C ILE B 112 -17.43 -20.81 35.51
N TYR B 113 -17.04 -21.38 36.65
CA TYR B 113 -16.88 -20.61 37.88
C TYR B 113 -15.88 -19.47 37.67
N LEU B 114 -14.75 -19.77 37.05
CA LEU B 114 -13.73 -18.77 36.80
C LEU B 114 -14.22 -17.70 35.84
N GLY B 115 -15.16 -18.08 34.97
CA GLY B 115 -15.70 -17.13 34.03
C GLY B 115 -16.50 -16.07 34.77
N TYR B 116 -17.23 -16.51 35.79
CA TYR B 116 -18.05 -15.61 36.60
C TYR B 116 -17.19 -14.65 37.41
N ILE B 117 -16.10 -15.17 37.98
CA ILE B 117 -15.18 -14.36 38.76
C ILE B 117 -14.70 -13.19 37.90
N SER B 118 -14.51 -13.44 36.61
CA SER B 118 -14.06 -12.41 35.69
C SER B 118 -15.11 -11.33 35.51
N ILE B 119 -16.38 -11.73 35.58
CA ILE B 119 -17.49 -10.78 35.46
C ILE B 119 -17.50 -9.91 36.71
N ALA B 120 -17.38 -10.55 37.86
CA ALA B 120 -17.37 -9.87 39.14
C ALA B 120 -16.23 -8.86 39.21
N HIS B 121 -15.04 -9.27 38.77
CA HIS B 121 -13.87 -8.40 38.77
C HIS B 121 -14.06 -7.22 37.81
N HIS B 122 -14.66 -7.49 36.66
CA HIS B 122 -14.87 -6.46 35.65
C HIS B 122 -15.91 -5.43 36.10
N TYR B 123 -16.89 -5.87 36.88
CA TYR B 123 -17.91 -4.97 37.37
C TYR B 123 -17.71 -4.64 38.84
N ASN B 124 -16.48 -4.83 39.31
CA ASN B 124 -16.12 -4.56 40.70
C ASN B 124 -17.07 -5.19 41.71
N ILE B 125 -17.80 -6.22 41.27
CA ILE B 125 -18.73 -6.93 42.14
C ILE B 125 -17.92 -7.72 43.15
N GLU B 126 -18.35 -7.71 44.41
CA GLU B 126 -17.63 -8.43 45.46
C GLU B 126 -17.80 -9.94 45.41
N VAL B 127 -16.69 -10.64 45.63
CA VAL B 127 -16.66 -12.09 45.64
C VAL B 127 -15.65 -12.57 46.68
N PRO B 128 -15.90 -12.28 47.96
CA PRO B 128 -15.02 -12.66 49.07
C PRO B 128 -14.65 -14.13 49.08
N THR B 129 -15.62 -14.98 48.78
CA THR B 129 -15.40 -16.43 48.75
C THR B 129 -14.18 -16.80 47.92
N PHE B 130 -14.03 -16.15 46.77
CA PHE B 130 -12.91 -16.43 45.86
C PHE B 130 -11.54 -16.50 46.54
N ASN B 131 -11.01 -15.34 46.92
CA ASN B 131 -9.70 -15.25 47.56
C ASN B 131 -9.52 -16.24 48.71
N LYS B 132 -10.61 -16.71 49.29
CA LYS B 132 -10.53 -17.66 50.40
C LYS B 132 -10.71 -19.11 49.96
N THR B 133 -10.73 -19.35 48.65
CA THR B 133 -10.93 -20.70 48.14
C THR B 133 -10.00 -21.15 47.01
N ILE B 134 -9.70 -20.26 46.08
CA ILE B 134 -8.85 -20.60 44.93
C ILE B 134 -7.66 -21.49 45.26
N THR B 135 -6.78 -21.02 46.13
CA THR B 135 -5.59 -21.80 46.48
C THR B 135 -5.95 -23.25 46.78
N SER B 136 -6.92 -23.48 47.65
CA SER B 136 -7.33 -24.83 47.99
C SER B 136 -7.93 -25.52 46.77
N ASP B 137 -8.76 -24.79 46.05
CA ASP B 137 -9.41 -25.31 44.85
C ASP B 137 -8.35 -25.82 43.87
N LEU B 138 -7.36 -24.98 43.59
CA LEU B 138 -6.30 -25.36 42.67
C LEU B 138 -5.54 -26.56 43.21
N LYS B 139 -5.23 -26.54 44.50
CA LYS B 139 -4.52 -27.66 45.12
C LYS B 139 -5.33 -28.92 44.86
N HIS B 140 -6.60 -28.88 45.27
CA HIS B 140 -7.52 -29.98 45.09
C HIS B 140 -7.57 -30.51 43.66
N LEU B 141 -7.60 -29.60 42.69
CA LEU B 141 -7.69 -29.96 41.28
C LEU B 141 -6.45 -30.47 40.55
N TYR B 142 -5.28 -29.90 40.85
CA TYR B 142 -4.07 -30.30 40.14
C TYR B 142 -2.92 -30.92 40.94
N ASP B 143 -2.98 -30.83 42.27
CA ASP B 143 -1.91 -31.40 43.10
C ASP B 143 -1.40 -32.77 42.66
N LYS B 144 -2.30 -33.65 42.25
CA LYS B 144 -1.90 -34.99 41.84
C LYS B 144 -2.19 -35.31 40.37
N ARG B 145 -2.07 -34.32 39.50
CA ARG B 145 -2.33 -34.54 38.08
C ARG B 145 -1.09 -35.02 37.33
N THR B 146 -1.35 -35.74 36.24
CA THR B 146 -0.30 -36.30 35.38
C THR B 146 -0.45 -35.80 33.96
N THR B 147 -1.58 -36.12 33.34
CA THR B 147 -1.86 -35.69 31.98
C THR B 147 -2.99 -34.68 31.99
N PHE B 148 -2.93 -33.73 31.05
CA PHE B 148 -3.94 -32.69 30.99
C PHE B 148 -4.79 -32.73 29.73
N PHE B 149 -6.06 -32.36 29.87
CA PHE B 149 -6.99 -32.36 28.76
C PHE B 149 -7.33 -30.94 28.37
N GLY B 150 -8.02 -30.79 27.23
CA GLY B 150 -8.39 -29.48 26.75
C GLY B 150 -9.00 -28.57 27.80
N ILE B 151 -9.94 -29.10 28.57
CA ILE B 151 -10.61 -28.31 29.60
C ILE B 151 -9.63 -27.77 30.63
N ASP B 152 -8.52 -28.48 30.85
CA ASP B 152 -7.52 -28.02 31.80
C ASP B 152 -6.87 -26.75 31.28
N TYR B 153 -6.47 -26.76 30.01
CA TYR B 153 -5.85 -25.59 29.41
C TYR B 153 -6.84 -24.44 29.37
N GLU B 154 -8.13 -24.78 29.27
CA GLU B 154 -9.17 -23.75 29.26
C GLU B 154 -9.23 -23.12 30.65
N ILE B 155 -9.22 -23.96 31.68
CA ILE B 155 -9.24 -23.49 33.05
C ILE B 155 -8.06 -22.57 33.32
N VAL B 156 -6.86 -23.05 33.04
CA VAL B 156 -5.65 -22.25 33.26
C VAL B 156 -5.70 -20.97 32.44
N SER B 157 -6.28 -21.05 31.25
CA SER B 157 -6.38 -19.86 30.39
C SER B 157 -7.26 -18.80 31.04
N ASN B 158 -8.40 -19.21 31.60
CA ASN B 158 -9.31 -18.28 32.25
C ASN B 158 -8.81 -17.92 33.65
N LEU B 159 -7.96 -18.78 34.22
CA LEU B 159 -7.42 -18.53 35.55
C LEU B 159 -6.42 -17.39 35.52
N LEU B 160 -5.69 -17.26 34.42
CA LEU B 160 -4.70 -16.20 34.27
C LEU B 160 -5.33 -14.82 34.25
N ASN B 161 -6.64 -14.75 34.02
CA ASN B 161 -7.33 -13.48 33.96
C ASN B 161 -7.94 -13.05 35.30
N VAL B 162 -7.87 -13.92 36.30
CA VAL B 162 -8.42 -13.59 37.61
C VAL B 162 -7.46 -13.88 38.77
N LEU B 163 -6.25 -14.30 38.45
CA LEU B 163 -5.26 -14.61 39.48
C LEU B 163 -3.86 -14.20 39.07
N PRO B 164 -3.11 -13.56 39.97
CA PRO B 164 -1.74 -13.12 39.69
C PRO B 164 -0.91 -14.23 39.05
N TYR B 165 -0.09 -13.87 38.07
CA TYR B 165 0.74 -14.84 37.36
C TYR B 165 1.59 -15.70 38.28
N GLU B 166 2.19 -15.10 39.30
CA GLU B 166 3.02 -15.82 40.25
C GLU B 166 2.35 -17.07 40.82
N GLU B 167 1.02 -17.03 40.94
CA GLU B 167 0.28 -18.16 41.49
C GLU B 167 -0.06 -19.22 40.45
N VAL B 168 -0.41 -18.78 39.24
CA VAL B 168 -0.76 -19.70 38.16
C VAL B 168 0.48 -20.30 37.50
N SER B 169 1.59 -19.57 37.57
CA SER B 169 2.84 -19.99 36.98
C SER B 169 3.18 -21.47 37.13
N SER B 170 3.21 -21.96 38.37
CA SER B 170 3.55 -23.35 38.65
C SER B 170 2.59 -24.38 38.05
N ILE B 171 1.34 -23.99 37.83
CA ILE B 171 0.34 -24.90 37.28
C ILE B 171 0.52 -25.09 35.77
N ILE B 172 1.08 -24.08 35.12
CA ILE B 172 1.31 -24.09 33.67
C ILE B 172 2.45 -24.98 33.20
N LYS B 173 3.64 -24.75 33.75
CA LYS B 173 4.84 -25.49 33.37
C LYS B 173 4.69 -26.99 33.10
N PRO B 174 4.00 -27.73 33.97
CA PRO B 174 3.83 -29.17 33.76
C PRO B 174 3.00 -29.50 32.53
N MSE B 175 2.16 -28.56 32.11
CA MSE B 175 1.29 -28.76 30.95
C MSE B 175 1.98 -28.62 29.59
O MSE B 175 1.37 -28.89 28.57
CB MSE B 175 0.10 -27.81 31.05
CG MSE B 175 -0.77 -28.11 32.25
SE MSE B 175 -1.99 -26.71 32.73
CE MSE B 175 -3.42 -27.14 31.50
N TYR B 176 3.24 -28.21 29.60
CA TYR B 176 3.99 -28.06 28.36
C TYR B 176 5.36 -28.72 28.48
N PRO B 177 6.00 -29.03 27.35
CA PRO B 177 5.52 -28.79 25.99
C PRO B 177 4.42 -29.76 25.55
N ILE B 178 3.75 -29.42 24.47
CA ILE B 178 2.69 -30.27 23.93
C ILE B 178 3.36 -31.23 22.94
N VAL B 179 2.87 -32.45 22.86
CA VAL B 179 3.47 -33.42 21.95
C VAL B 179 2.53 -33.93 20.86
N ASP B 180 1.22 -33.85 21.09
CA ASP B 180 0.26 -34.32 20.09
C ASP B 180 -1.06 -33.55 20.14
N SER B 181 -1.79 -33.56 19.03
CA SER B 181 -3.07 -32.88 18.93
C SER B 181 -4.21 -33.83 19.24
N PHE B 182 -5.26 -33.30 19.89
CA PHE B 182 -6.41 -34.11 20.23
C PHE B 182 -7.70 -33.39 19.87
N GLY B 183 -7.75 -32.84 18.66
CA GLY B 183 -8.93 -32.12 18.21
C GLY B 183 -8.67 -30.64 18.11
N LYS B 184 -9.45 -29.94 17.28
CA LYS B 184 -9.27 -28.52 17.09
C LYS B 184 -9.59 -27.70 18.35
N ASP B 185 -10.57 -28.15 19.12
CA ASP B 185 -10.93 -27.43 20.34
C ASP B 185 -9.81 -27.55 21.36
N TYR B 186 -9.04 -28.62 21.27
CA TYR B 186 -7.92 -28.84 22.18
C TYR B 186 -6.77 -27.93 21.75
N ASP B 187 -6.57 -27.82 20.44
CA ASP B 187 -5.52 -27.00 19.87
C ASP B 187 -5.81 -25.53 20.13
N LEU B 188 -7.09 -25.20 20.27
CA LEU B 188 -7.50 -23.83 20.51
C LEU B 188 -7.11 -23.38 21.92
N THR B 189 -7.46 -24.19 22.90
CA THR B 189 -7.17 -23.87 24.29
C THR B 189 -5.69 -23.89 24.66
N ILE B 190 -4.95 -24.85 24.12
CA ILE B 190 -3.51 -24.93 24.42
C ILE B 190 -2.79 -23.72 23.87
N GLN B 191 -3.33 -23.13 22.80
CA GLN B 191 -2.73 -21.94 22.22
C GLN B 191 -3.12 -20.71 23.02
N THR B 192 -4.32 -20.72 23.60
CA THR B 192 -4.79 -19.59 24.38
C THR B 192 -3.96 -19.38 25.63
N VAL B 193 -3.56 -20.47 26.28
CA VAL B 193 -2.75 -20.37 27.49
C VAL B 193 -1.45 -19.64 27.18
N LEU B 194 -0.81 -20.02 26.08
CA LEU B 194 0.44 -19.41 25.67
C LEU B 194 0.24 -17.94 25.29
N LYS B 195 -0.85 -17.65 24.60
CA LYS B 195 -1.13 -16.28 24.18
C LYS B 195 -1.38 -15.39 25.39
N ASN B 196 -2.18 -15.86 26.33
CA ASN B 196 -2.49 -15.10 27.54
C ASN B 196 -1.26 -14.93 28.42
N ALA B 197 -0.48 -16.00 28.56
CA ALA B 197 0.74 -15.98 29.37
C ALA B 197 1.76 -15.03 28.78
N LEU B 198 1.99 -15.15 27.47
CA LEU B 198 2.95 -14.29 26.79
C LEU B 198 2.60 -12.83 26.97
N THR B 199 1.30 -12.54 27.00
CA THR B 199 0.82 -11.17 27.16
C THR B 199 1.20 -10.64 28.54
N ILE B 200 0.78 -11.37 29.57
CA ILE B 200 1.08 -11.01 30.96
C ILE B 200 2.58 -10.90 31.17
N SER B 201 3.34 -11.80 30.55
CA SER B 201 4.79 -11.81 30.69
C SER B 201 5.43 -10.55 30.10
N ILE B 202 5.07 -10.22 28.86
CA ILE B 202 5.61 -9.05 28.21
C ILE B 202 5.15 -7.77 28.92
N MSE B 203 3.92 -7.79 29.43
CA MSE B 203 3.36 -6.64 30.13
C MSE B 203 4.12 -6.34 31.43
O MSE B 203 4.52 -5.20 31.67
CB MSE B 203 1.90 -6.90 30.48
CG MSE B 203 0.96 -6.90 29.29
SE MSE B 203 -0.14 -5.31 29.21
CE MSE B 203 -1.80 -6.04 29.86
N ASN B 204 4.31 -7.36 32.25
CA ASN B 204 5.02 -7.19 33.51
C ASN B 204 6.52 -7.18 33.32
N ARG B 205 6.95 -7.22 32.07
CA ARG B 205 8.38 -7.22 31.74
C ARG B 205 9.15 -8.41 32.29
N ASN B 206 8.58 -9.60 32.18
CA ASN B 206 9.23 -10.81 32.65
C ASN B 206 9.77 -11.48 31.39
N LEU B 207 10.70 -10.80 30.74
CA LEU B 207 11.29 -11.27 29.49
C LEU B 207 11.79 -12.70 29.39
N LYS B 208 12.12 -13.33 30.52
CA LYS B 208 12.57 -14.71 30.46
C LYS B 208 11.36 -15.63 30.30
N GLU B 209 10.25 -15.25 30.95
CA GLU B 209 9.03 -16.03 30.86
C GLU B 209 8.46 -15.85 29.47
N ALA B 210 8.51 -14.61 28.97
CA ALA B 210 8.00 -14.29 27.65
C ALA B 210 8.66 -15.17 26.58
N GLN B 211 9.98 -15.30 26.65
CA GLN B 211 10.72 -16.12 25.70
C GLN B 211 10.23 -17.57 25.76
N TYR B 212 10.06 -18.08 26.96
CA TYR B 212 9.59 -19.46 27.17
C TYR B 212 8.31 -19.70 26.37
N TYR B 213 7.34 -18.81 26.52
CA TYR B 213 6.07 -18.93 25.83
C TYR B 213 6.17 -18.77 24.32
N ILE B 214 7.05 -17.87 23.88
CA ILE B 214 7.22 -17.66 22.45
C ILE B 214 7.78 -18.95 21.86
N ASN B 215 8.61 -19.64 22.63
CA ASN B 215 9.21 -20.89 22.20
C ASN B 215 8.20 -22.03 22.20
N GLN B 216 7.32 -22.04 23.19
CA GLN B 216 6.29 -23.07 23.31
C GLN B 216 5.32 -23.01 22.13
N PHE B 217 4.97 -21.79 21.73
CA PHE B 217 4.05 -21.61 20.61
C PHE B 217 4.74 -22.06 19.33
N GLU B 218 6.01 -21.70 19.20
CA GLU B 218 6.80 -22.06 18.03
C GLU B 218 6.93 -23.57 17.94
N HIS B 219 6.95 -24.23 19.09
CA HIS B 219 7.06 -25.67 19.15
C HIS B 219 5.80 -26.32 18.57
N LEU B 220 4.65 -25.72 18.86
CA LEU B 220 3.39 -26.24 18.36
C LEU B 220 3.36 -26.31 16.84
N LYS B 221 4.09 -25.39 16.20
CA LYS B 221 4.14 -25.35 14.74
C LYS B 221 4.90 -26.53 14.14
N THR B 222 5.60 -27.27 15.00
CA THR B 222 6.36 -28.43 14.52
C THR B 222 5.55 -29.71 14.66
N ILE B 223 4.43 -29.63 15.37
CA ILE B 223 3.58 -30.79 15.56
C ILE B 223 2.44 -30.79 14.54
N LYS B 224 2.68 -31.42 13.40
CA LYS B 224 1.65 -31.53 12.38
C LYS B 224 0.40 -32.06 13.08
N ASN B 225 -0.77 -31.56 12.69
CA ASN B 225 -2.05 -31.97 13.27
C ASN B 225 -2.56 -31.00 14.34
N ILE B 226 -1.68 -30.12 14.81
CA ILE B 226 -2.09 -29.15 15.83
C ILE B 226 -3.04 -28.12 15.28
N SER B 227 -2.84 -27.69 14.03
CA SER B 227 -3.74 -26.71 13.43
C SER B 227 -3.73 -25.40 14.23
N ILE B 228 -2.82 -24.50 13.88
CA ILE B 228 -2.69 -23.23 14.58
C ILE B 228 -3.77 -22.21 14.21
N ASN B 229 -4.14 -21.39 15.19
CA ASN B 229 -5.15 -20.36 15.02
C ASN B 229 -4.52 -19.15 14.31
N GLY B 230 -5.02 -18.84 13.12
CA GLY B 230 -4.49 -17.71 12.38
C GLY B 230 -4.44 -16.43 13.18
N TYR B 231 -5.58 -16.07 13.81
CA TYR B 231 -5.65 -14.86 14.60
C TYR B 231 -4.61 -14.86 15.71
N TYR B 232 -4.43 -16.01 16.36
CA TYR B 232 -3.46 -16.13 17.43
C TYR B 232 -2.05 -15.97 16.89
N ASP B 233 -1.80 -16.53 15.70
CA ASP B 233 -0.49 -16.42 15.09
C ASP B 233 -0.15 -14.95 14.91
N LEU B 234 -1.13 -14.16 14.49
CA LEU B 234 -0.91 -12.73 14.31
C LEU B 234 -0.68 -12.02 15.64
N GLU B 235 -1.58 -12.24 16.59
CA GLU B 235 -1.45 -11.63 17.91
C GLU B 235 -0.17 -12.04 18.61
N ILE B 236 0.14 -13.34 18.62
CA ILE B 236 1.35 -13.82 19.27
C ILE B 236 2.61 -13.25 18.62
N ASN B 237 2.58 -13.10 17.30
CA ASN B 237 3.73 -12.53 16.59
C ASN B 237 3.95 -11.07 16.94
N TYR B 238 2.85 -10.34 17.17
CA TYR B 238 2.97 -8.93 17.52
C TYR B 238 3.63 -8.83 18.89
N LEU B 239 3.31 -9.77 19.76
CA LEU B 239 3.90 -9.78 21.10
C LEU B 239 5.36 -10.18 20.92
N LYS B 240 5.62 -11.08 19.99
CA LYS B 240 6.97 -11.54 19.70
C LYS B 240 7.79 -10.36 19.22
N GLN B 241 7.16 -9.47 18.46
CA GLN B 241 7.83 -8.30 17.94
C GLN B 241 8.09 -7.26 19.03
N ILE B 242 7.14 -7.15 19.97
CA ILE B 242 7.31 -6.22 21.08
C ILE B 242 8.41 -6.75 21.99
N TYR B 243 8.48 -8.07 22.12
CA TYR B 243 9.49 -8.71 22.93
C TYR B 243 10.86 -8.30 22.41
N GLN B 244 11.08 -8.53 21.11
CA GLN B 244 12.35 -8.19 20.48
C GLN B 244 12.68 -6.72 20.70
N PHE B 245 11.71 -5.86 20.50
CA PHE B 245 11.89 -4.43 20.66
C PHE B 245 12.42 -4.09 22.06
N LEU B 246 11.89 -4.76 23.07
CA LEU B 246 12.30 -4.54 24.46
C LEU B 246 13.71 -5.03 24.74
N THR B 247 14.23 -5.88 23.86
CA THR B 247 15.58 -6.41 24.06
C THR B 247 16.57 -5.87 23.04
N ASP B 248 16.49 -6.37 21.80
CA ASP B 248 17.39 -5.92 20.75
C ASP B 248 17.16 -4.46 20.36
N LYS B 249 16.23 -3.82 21.07
CA LYS B 249 15.89 -2.42 20.85
C LYS B 249 16.09 -1.93 19.41
N ASN B 250 15.16 -2.28 18.53
CA ASN B 250 15.22 -1.88 17.14
C ASN B 250 13.84 -1.38 16.74
N ILE B 251 13.74 -0.11 16.36
CA ILE B 251 12.47 0.49 15.97
C ILE B 251 11.70 -0.38 14.98
N ASP B 252 12.43 -1.14 14.17
CA ASP B 252 11.80 -2.03 13.20
C ASP B 252 10.84 -2.99 13.90
N SER B 253 11.30 -3.59 14.98
CA SER B 253 10.49 -4.54 15.72
C SER B 253 9.19 -3.88 16.19
N TYR B 254 9.30 -2.67 16.70
CA TYR B 254 8.13 -1.94 17.18
C TYR B 254 7.19 -1.63 16.02
N LEU B 255 7.75 -1.16 14.91
CA LEU B 255 6.95 -0.83 13.73
C LEU B 255 6.18 -2.06 13.25
N ASN B 256 6.83 -3.23 13.33
CA ASN B 256 6.19 -4.47 12.92
C ASN B 256 5.00 -4.75 13.83
N ALA B 257 5.20 -4.54 15.12
CA ALA B 257 4.13 -4.77 16.10
C ALA B 257 2.93 -3.92 15.70
N VAL B 258 3.18 -2.64 15.43
CA VAL B 258 2.13 -1.73 15.04
C VAL B 258 1.46 -2.20 13.74
N ASN B 259 2.27 -2.58 12.77
CA ASN B 259 1.75 -3.04 11.50
C ASN B 259 0.80 -4.20 11.68
N ILE B 260 1.19 -5.16 12.52
CA ILE B 260 0.36 -6.33 12.78
C ILE B 260 -0.95 -5.90 13.42
N ILE B 261 -0.86 -5.06 14.45
CA ILE B 261 -2.06 -4.58 15.15
C ILE B 261 -3.00 -3.91 14.16
N ASN B 262 -2.43 -3.16 13.22
CA ASN B 262 -3.21 -2.46 12.21
C ASN B 262 -3.96 -3.42 11.28
N ILE B 263 -3.30 -4.49 10.86
CA ILE B 263 -3.93 -5.47 9.97
C ILE B 263 -5.26 -5.95 10.53
N PHE B 264 -5.36 -6.04 11.85
CA PHE B 264 -6.58 -6.47 12.51
C PHE B 264 -7.72 -5.53 12.14
N LYS B 265 -7.40 -4.24 12.06
CA LYS B 265 -8.40 -3.23 11.72
C LYS B 265 -8.77 -3.30 10.26
N ILE B 266 -7.76 -3.46 9.41
CA ILE B 266 -7.96 -3.55 7.97
C ILE B 266 -8.86 -4.69 7.53
N ILE B 267 -8.92 -5.75 8.35
CA ILE B 267 -9.73 -6.92 8.00
C ILE B 267 -11.09 -7.01 8.71
N GLY B 268 -11.49 -5.92 9.36
CA GLY B 268 -12.79 -5.91 10.03
C GLY B 268 -12.86 -6.34 11.48
N LYS B 269 -11.72 -6.73 12.05
CA LYS B 269 -11.70 -7.15 13.45
C LYS B 269 -11.62 -5.93 14.36
N GLU B 270 -12.54 -5.00 14.15
CA GLU B 270 -12.62 -3.75 14.92
C GLU B 270 -12.49 -3.93 16.43
N ASP B 271 -13.35 -4.77 16.99
CA ASP B 271 -13.34 -5.02 18.43
C ASP B 271 -12.00 -5.50 18.97
N ILE B 272 -11.44 -6.53 18.35
CA ILE B 272 -10.15 -7.07 18.78
C ILE B 272 -9.02 -6.07 18.53
N HIS B 273 -9.17 -5.25 17.50
CA HIS B 273 -8.16 -4.25 17.18
C HIS B 273 -8.11 -3.18 18.27
N ARG B 274 -9.28 -2.69 18.65
CA ARG B 274 -9.38 -1.67 19.68
C ARG B 274 -8.69 -2.17 20.96
N SER B 275 -8.95 -3.42 21.30
CA SER B 275 -8.35 -4.02 22.49
C SER B 275 -6.82 -4.04 22.35
N LEU B 276 -6.35 -4.48 21.19
CA LEU B 276 -4.92 -4.55 20.91
C LEU B 276 -4.26 -3.19 21.12
N VAL B 277 -4.84 -2.16 20.52
CA VAL B 277 -4.30 -0.81 20.64
C VAL B 277 -4.22 -0.39 22.11
N GLU B 278 -5.28 -0.67 22.86
CA GLU B 278 -5.31 -0.34 24.28
C GLU B 278 -4.15 -1.04 24.99
N GLU B 279 -3.80 -2.22 24.50
CA GLU B 279 -2.72 -3.00 25.08
C GLU B 279 -1.33 -2.44 24.74
N LEU B 280 -1.13 -2.06 23.48
CA LEU B 280 0.16 -1.51 23.08
C LEU B 280 0.44 -0.24 23.89
N THR B 281 -0.60 0.55 24.13
CA THR B 281 -0.46 1.78 24.89
C THR B 281 0.10 1.51 26.29
N LYS B 282 -0.45 0.50 26.97
CA LYS B 282 -0.01 0.16 28.32
C LYS B 282 1.42 -0.39 28.39
N ILE B 283 1.79 -1.21 27.42
CA ILE B 283 3.14 -1.78 27.37
C ILE B 283 4.14 -0.66 27.17
N SER B 284 3.81 0.29 26.30
CA SER B 284 4.69 1.42 26.03
C SER B 284 4.91 2.28 27.28
N ALA B 285 4.01 2.16 28.25
CA ALA B 285 4.10 2.94 29.48
C ALA B 285 4.57 2.09 30.66
N LYS B 286 4.99 0.86 30.38
CA LYS B 286 5.48 -0.06 31.40
C LYS B 286 4.45 -0.36 32.49
N GLU B 287 3.18 -0.49 32.09
CA GLU B 287 2.11 -0.79 33.04
C GLU B 287 1.99 -2.31 33.17
N LYS B 288 1.89 -2.79 34.41
CA LYS B 288 1.75 -4.23 34.64
C LYS B 288 0.38 -4.69 34.21
N PHE B 289 0.20 -6.00 34.09
CA PHE B 289 -1.09 -6.55 33.67
C PHE B 289 -2.19 -6.32 34.70
N THR B 290 -3.30 -5.78 34.23
CA THR B 290 -4.46 -5.52 35.06
C THR B 290 -5.68 -5.68 34.16
N PRO B 291 -6.66 -6.50 34.58
CA PRO B 291 -7.85 -6.68 33.75
C PRO B 291 -8.31 -5.37 33.15
N PRO B 292 -8.28 -5.26 31.81
CA PRO B 292 -8.69 -4.04 31.11
C PRO B 292 -10.19 -3.81 31.14
N LYS B 293 -10.66 -2.87 30.33
CA LYS B 293 -12.08 -2.58 30.24
C LYS B 293 -12.60 -3.37 29.05
N GLU B 294 -11.68 -3.70 28.15
CA GLU B 294 -11.98 -4.48 26.96
C GLU B 294 -11.77 -5.97 27.29
N VAL B 295 -12.85 -6.72 27.36
CA VAL B 295 -12.76 -8.14 27.67
C VAL B 295 -12.93 -8.99 26.41
N THR B 296 -11.87 -9.67 26.02
CA THR B 296 -11.89 -10.53 24.84
C THR B 296 -12.23 -11.95 25.24
N MSE B 297 -12.92 -12.66 24.35
CA MSE B 297 -13.30 -14.05 24.62
C MSE B 297 -13.14 -14.89 23.36
O MSE B 297 -12.89 -14.36 22.29
CB MSE B 297 -14.75 -14.11 25.08
CG MSE B 297 -15.06 -13.22 26.27
SE MSE B 297 -16.86 -13.49 26.86
CE MSE B 297 -16.49 -14.65 28.35
N TYR B 298 -13.28 -16.20 23.50
CA TYR B 298 -13.16 -17.08 22.34
C TYR B 298 -14.05 -18.29 22.48
N TYR B 299 -15.11 -18.33 21.66
CA TYR B 299 -16.03 -19.47 21.65
C TYR B 299 -15.76 -20.16 20.32
N GLU B 300 -16.38 -19.66 19.27
CA GLU B 300 -16.18 -20.20 17.95
C GLU B 300 -15.40 -19.15 17.17
N ASN B 301 -15.22 -17.99 17.79
CA ASN B 301 -14.48 -16.89 17.18
C ASN B 301 -13.85 -15.98 18.22
N TYR B 302 -12.94 -15.12 17.76
CA TYR B 302 -12.26 -14.17 18.63
C TYR B 302 -13.10 -12.90 18.70
N VAL B 303 -13.78 -12.69 19.82
CA VAL B 303 -14.65 -11.53 19.97
C VAL B 303 -14.38 -10.71 21.22
N ALA B 304 -15.00 -9.53 21.27
CA ALA B 304 -14.89 -8.63 22.41
C ALA B 304 -16.27 -8.44 23.01
N ILE B 305 -16.36 -7.65 24.08
CA ILE B 305 -17.64 -7.43 24.73
C ILE B 305 -18.02 -5.95 24.77
N PHE C 2 24.38 39.05 -26.64
CA PHE C 2 24.55 40.27 -27.47
C PHE C 2 24.12 40.08 -28.92
N LYS C 3 24.72 39.11 -29.60
CA LYS C 3 24.41 38.84 -31.00
C LYS C 3 22.95 38.41 -31.21
N ILE C 4 22.03 39.32 -30.90
CA ILE C 4 20.60 39.05 -31.04
C ILE C 4 20.19 39.06 -32.51
N GLY C 5 20.95 39.80 -33.32
CA GLY C 5 20.66 39.89 -34.74
C GLY C 5 20.82 38.58 -35.49
N SER C 6 22.00 37.96 -35.37
CA SER C 6 22.26 36.71 -36.06
C SER C 6 21.18 35.69 -35.71
N VAL C 7 20.79 35.65 -34.44
CA VAL C 7 19.75 34.73 -33.98
C VAL C 7 18.45 35.00 -34.73
N LEU C 8 18.08 36.26 -34.84
CA LEU C 8 16.84 36.62 -35.53
C LEU C 8 16.85 36.10 -36.97
N LYS C 9 17.96 36.29 -37.68
CA LYS C 9 18.07 35.82 -39.05
C LYS C 9 17.96 34.30 -39.05
N GLN C 10 18.67 33.68 -38.12
CA GLN C 10 18.68 32.23 -37.99
C GLN C 10 17.25 31.69 -37.91
N ILE C 11 16.49 32.17 -36.92
CA ILE C 11 15.11 31.74 -36.73
C ILE C 11 14.23 32.06 -37.93
N ARG C 12 14.37 33.26 -38.48
CA ARG C 12 13.56 33.67 -39.63
C ARG C 12 13.75 32.73 -40.81
N GLN C 13 15.00 32.46 -41.15
CA GLN C 13 15.33 31.57 -42.26
C GLN C 13 14.84 30.15 -42.01
N GLU C 14 15.15 29.61 -40.83
CA GLU C 14 14.73 28.27 -40.47
C GLU C 14 13.23 28.09 -40.64
N LEU C 15 12.47 29.12 -40.30
CA LEU C 15 11.01 29.07 -40.43
C LEU C 15 10.57 29.56 -41.79
N ASN C 16 11.54 29.89 -42.64
CA ASN C 16 11.27 30.36 -44.00
C ASN C 16 10.41 31.62 -44.06
N TYR C 17 10.86 32.67 -43.36
CA TYR C 17 10.15 33.94 -43.36
C TYR C 17 11.03 34.96 -44.06
N HIS C 18 10.42 35.86 -44.84
CA HIS C 18 11.18 36.88 -45.53
C HIS C 18 11.28 38.13 -44.66
N GLN C 19 12.33 38.93 -44.88
CA GLN C 19 12.54 40.14 -44.11
C GLN C 19 11.28 41.01 -44.05
N ILE C 20 10.56 41.07 -45.16
CA ILE C 20 9.34 41.87 -45.25
C ILE C 20 8.29 41.36 -44.28
N ASP C 21 8.44 40.12 -43.84
CA ASP C 21 7.49 39.51 -42.91
C ASP C 21 7.71 39.96 -41.47
N LEU C 22 8.89 40.51 -41.19
CA LEU C 22 9.22 40.95 -39.84
C LEU C 22 9.17 42.46 -39.62
N TYR C 23 9.87 43.22 -40.46
CA TYR C 23 9.92 44.67 -40.31
C TYR C 23 8.69 45.42 -40.83
N SER C 24 7.84 44.74 -41.60
CA SER C 24 6.64 45.37 -42.14
C SER C 24 5.76 45.93 -41.03
N GLY C 25 5.83 47.24 -40.84
CA GLY C 25 5.03 47.89 -39.82
C GLY C 25 5.83 48.17 -38.56
N ILE C 26 7.09 47.78 -38.56
CA ILE C 26 7.96 47.98 -37.41
C ILE C 26 9.12 48.92 -37.74
N MSE C 27 9.77 48.72 -38.88
CA MSE C 27 10.89 49.56 -39.29
C MSE C 27 11.21 49.43 -40.77
O MSE C 27 10.65 48.59 -41.47
CB MSE C 27 12.13 49.22 -38.47
CG MSE C 27 12.57 47.77 -38.57
SE MSE C 27 14.18 47.45 -37.56
CE MSE C 27 13.39 47.30 -35.81
N SER C 28 12.11 50.29 -41.25
CA SER C 28 12.50 50.27 -42.65
C SER C 28 13.41 49.09 -42.97
N LYS C 29 13.29 48.57 -44.18
CA LYS C 29 14.11 47.43 -44.61
C LYS C 29 15.58 47.77 -44.50
N SER C 30 15.89 49.06 -44.52
CA SER C 30 17.28 49.53 -44.44
C SER C 30 17.89 49.24 -43.06
N VAL C 31 17.28 49.79 -42.02
CA VAL C 31 17.77 49.60 -40.66
C VAL C 31 17.65 48.16 -40.18
N TYR C 32 16.61 47.46 -40.60
CA TYR C 32 16.43 46.07 -40.18
C TYR C 32 17.66 45.24 -40.52
N ILE C 33 18.20 45.44 -41.71
CA ILE C 33 19.39 44.72 -42.14
C ILE C 33 20.52 44.99 -41.15
N LYS C 34 20.52 46.19 -40.59
CA LYS C 34 21.55 46.59 -39.64
C LYS C 34 21.36 45.84 -38.31
N VAL C 35 20.11 45.74 -37.87
CA VAL C 35 19.80 45.02 -36.63
C VAL C 35 20.22 43.57 -36.78
N GLU C 36 19.73 42.94 -37.85
CA GLU C 36 20.03 41.55 -38.13
C GLU C 36 21.53 41.32 -38.35
N ALA C 37 22.22 42.33 -38.87
CA ALA C 37 23.66 42.22 -39.11
C ALA C 37 24.41 42.54 -37.83
N ASP C 38 23.66 42.79 -36.75
CA ASP C 38 24.25 43.11 -35.46
C ASP C 38 25.18 44.31 -35.55
N SER C 39 24.66 45.40 -36.10
CA SER C 39 25.43 46.64 -36.25
C SER C 39 24.61 47.79 -35.67
N ARG C 40 23.39 47.48 -35.25
CA ARG C 40 22.49 48.47 -34.67
C ARG C 40 21.82 47.87 -33.44
N PRO C 41 21.94 48.54 -32.28
CA PRO C 41 21.31 48.03 -31.07
C PRO C 41 19.81 47.84 -31.28
N ILE C 42 19.27 46.76 -30.72
CA ILE C 42 17.85 46.47 -30.84
C ILE C 42 17.15 46.73 -29.51
N SER C 43 16.03 47.43 -29.56
CA SER C 43 15.27 47.74 -28.35
C SER C 43 14.37 46.59 -27.93
N VAL C 44 14.09 46.50 -26.64
CA VAL C 44 13.24 45.46 -26.11
C VAL C 44 11.87 45.48 -26.77
N GLU C 45 11.35 46.69 -27.01
CA GLU C 45 10.04 46.84 -27.63
C GLU C 45 10.03 46.23 -29.02
N GLU C 46 11.14 46.37 -29.74
CA GLU C 46 11.26 45.82 -31.09
C GLU C 46 11.40 44.31 -31.06
N LEU C 47 12.42 43.81 -30.35
CA LEU C 47 12.65 42.38 -30.25
C LEU C 47 11.35 41.66 -29.89
N SER C 48 10.59 42.25 -28.97
CA SER C 48 9.34 41.68 -28.54
C SER C 48 8.41 41.49 -29.74
N LYS C 49 8.34 42.50 -30.61
CA LYS C 49 7.48 42.43 -31.79
C LYS C 49 7.96 41.38 -32.77
N PHE C 50 9.27 41.32 -32.99
CA PHE C 50 9.83 40.33 -33.91
C PHE C 50 9.53 38.95 -33.33
N SER C 51 9.62 38.85 -32.01
CA SER C 51 9.36 37.59 -31.32
C SER C 51 7.97 37.06 -31.63
N GLU C 52 7.01 37.97 -31.83
CA GLU C 52 5.64 37.56 -32.15
C GLU C 52 5.53 37.21 -33.63
N ARG C 53 6.30 37.90 -34.46
CA ARG C 53 6.30 37.64 -35.90
C ARG C 53 6.82 36.22 -36.15
N LEU C 54 7.96 35.91 -35.54
CA LEU C 54 8.60 34.60 -35.68
C LEU C 54 7.76 33.48 -35.07
N GLY C 55 7.19 33.74 -33.90
CA GLY C 55 6.38 32.72 -33.25
C GLY C 55 7.19 31.97 -32.21
N VAL C 56 8.46 32.34 -32.08
CA VAL C 56 9.36 31.72 -31.11
C VAL C 56 9.37 32.54 -29.83
N ASN C 57 9.47 31.85 -28.70
CA ASN C 57 9.48 32.49 -27.40
C ASN C 57 10.49 33.63 -27.31
N PHE C 58 10.07 34.73 -26.70
CA PHE C 58 10.91 35.92 -26.53
C PHE C 58 12.14 35.64 -25.68
N PHE C 59 11.94 34.98 -24.54
CA PHE C 59 13.05 34.68 -23.66
C PHE C 59 13.96 33.61 -24.25
N GLU C 60 13.41 32.75 -25.10
CA GLU C 60 14.19 31.71 -25.74
C GLU C 60 15.15 32.36 -26.72
N ILE C 61 14.66 33.38 -27.43
CA ILE C 61 15.48 34.10 -28.39
C ILE C 61 16.67 34.71 -27.67
N LEU C 62 16.40 35.34 -26.53
CA LEU C 62 17.46 35.96 -25.74
C LEU C 62 18.46 34.89 -25.30
N ASN C 63 17.95 33.74 -24.87
CA ASN C 63 18.82 32.66 -24.44
C ASN C 63 19.74 32.24 -25.58
N ARG C 64 19.15 32.02 -26.75
CA ARG C 64 19.92 31.61 -27.92
C ARG C 64 20.98 32.65 -28.27
N ALA C 65 20.67 33.91 -27.97
CA ALA C 65 21.59 35.00 -28.26
C ALA C 65 22.81 35.01 -27.33
N GLY C 66 22.69 34.33 -26.20
CA GLY C 66 23.80 34.29 -25.26
C GLY C 66 23.39 34.66 -23.85
N MSE C 67 22.13 35.02 -23.66
CA MSE C 67 21.63 35.39 -22.34
C MSE C 67 21.74 34.19 -21.39
O MSE C 67 21.26 34.23 -20.26
CB MSE C 67 20.18 35.86 -22.43
CG MSE C 67 19.95 37.10 -23.30
SE MSE C 67 20.93 38.67 -22.74
CE MSE C 67 21.04 39.58 -24.44
N ASN C 68 22.41 33.14 -21.85
CA ASN C 68 22.63 31.93 -21.06
C ASN C 68 23.64 32.19 -19.94
N ASN C 73 28.59 37.64 -17.62
CA ASN C 73 28.89 39.10 -17.60
C ASN C 73 30.04 39.40 -16.65
N GLU C 74 30.14 38.61 -15.59
CA GLU C 74 31.17 38.76 -14.56
C GLU C 74 30.79 37.99 -13.30
N THR C 75 29.71 38.42 -12.64
CA THR C 75 29.26 37.78 -11.42
C THR C 75 28.83 36.33 -11.68
N GLY C 76 28.36 36.07 -12.88
CA GLY C 76 27.93 34.73 -13.23
C GLY C 76 29.07 33.73 -13.12
N LYS C 77 30.22 34.10 -13.66
CA LYS C 77 31.41 33.25 -13.62
C LYS C 77 31.85 33.02 -12.17
N GLU C 78 31.74 34.07 -11.36
CA GLU C 78 32.12 33.99 -9.96
C GLU C 78 31.30 32.94 -9.22
N LYS C 79 30.01 32.86 -9.56
CA LYS C 79 29.12 31.90 -8.92
C LYS C 79 29.42 30.47 -9.34
N LEU C 80 29.72 30.26 -10.61
CA LEU C 80 30.04 28.91 -11.09
C LEU C 80 31.38 28.50 -10.49
N LEU C 81 32.24 29.48 -10.26
CA LEU C 81 33.55 29.25 -9.69
C LEU C 81 33.42 28.72 -8.27
N ILE C 82 32.43 29.21 -7.54
CA ILE C 82 32.19 28.77 -6.16
C ILE C 82 32.09 27.25 -6.11
N SER C 83 31.42 26.67 -7.10
CA SER C 83 31.26 25.22 -7.17
C SER C 83 32.62 24.55 -7.34
N LYS C 84 33.48 25.19 -8.12
CA LYS C 84 34.83 24.67 -8.37
C LYS C 84 35.66 24.63 -7.09
N ILE C 85 35.76 25.77 -6.43
CA ILE C 85 36.53 25.87 -5.19
C ILE C 85 36.06 24.87 -4.15
N PHE C 86 34.78 24.52 -4.19
CA PHE C 86 34.22 23.55 -3.26
C PHE C 86 34.85 22.18 -3.48
N THR C 87 35.36 21.97 -4.69
CA THR C 87 36.00 20.71 -5.05
C THR C 87 37.52 20.85 -5.00
N ASN C 88 37.99 22.08 -5.03
CA ASN C 88 39.42 22.38 -4.99
C ASN C 88 39.67 23.52 -4.01
N PRO C 89 39.57 23.25 -2.70
CA PRO C 89 39.77 24.24 -1.64
C PRO C 89 41.09 25.01 -1.71
N ASP C 90 42.06 24.46 -2.43
CA ASP C 90 43.36 25.11 -2.55
C ASP C 90 43.22 26.43 -3.31
N LEU C 91 42.10 26.60 -4.00
CA LEU C 91 41.85 27.79 -4.79
C LEU C 91 41.08 28.86 -4.00
N PHE C 92 40.85 28.60 -2.72
CA PHE C 92 40.11 29.55 -1.90
C PHE C 92 40.91 30.82 -1.70
N ASP C 93 41.95 30.72 -0.89
CA ASP C 93 42.85 31.84 -0.58
C ASP C 93 42.86 32.96 -1.61
N LYS C 94 43.47 32.69 -2.76
CA LYS C 94 43.58 33.67 -3.83
C LYS C 94 42.28 34.35 -4.24
N ASN C 95 41.27 33.55 -4.58
CA ASN C 95 39.99 34.10 -5.00
C ASN C 95 39.22 34.87 -3.94
N PHE C 96 39.19 34.37 -2.71
CA PHE C 96 38.48 35.05 -1.63
C PHE C 96 39.03 36.47 -1.46
N GLN C 97 40.36 36.57 -1.38
CA GLN C 97 41.03 37.86 -1.22
C GLN C 97 40.59 38.83 -2.29
N ARG C 98 40.05 38.30 -3.39
CA ARG C 98 39.57 39.12 -4.49
C ARG C 98 38.12 39.55 -4.33
N ILE C 99 37.26 38.59 -3.94
CA ILE C 99 35.84 38.85 -3.75
C ILE C 99 35.55 39.64 -2.47
N GLU C 100 36.09 39.15 -1.36
CA GLU C 100 35.90 39.77 -0.05
C GLU C 100 35.80 41.29 -0.01
N PRO C 101 36.77 42.01 -0.62
CA PRO C 101 36.73 43.47 -0.62
C PRO C 101 35.59 44.11 -1.40
N LYS C 102 35.07 43.39 -2.40
CA LYS C 102 33.97 43.90 -3.22
C LYS C 102 32.66 43.19 -2.93
N ARG C 103 32.48 42.78 -1.68
CA ARG C 103 31.29 42.09 -1.23
C ARG C 103 30.04 42.98 -1.19
N LEU C 104 30.26 44.27 -0.99
CA LEU C 104 29.16 45.22 -0.89
C LEU C 104 28.96 46.04 -2.15
N THR C 105 29.65 45.69 -3.22
CA THR C 105 29.53 46.42 -4.48
C THR C 105 28.14 46.25 -5.07
N SER C 106 27.57 45.06 -4.91
CA SER C 106 26.23 44.76 -5.43
C SER C 106 25.67 43.54 -4.71
N LEU C 107 24.35 43.41 -4.71
CA LEU C 107 23.71 42.27 -4.06
C LEU C 107 24.23 40.97 -4.62
N GLN C 108 24.64 40.99 -5.89
CA GLN C 108 25.18 39.82 -6.55
C GLN C 108 26.49 39.39 -5.90
N TYR C 109 27.39 40.36 -5.70
CA TYR C 109 28.68 40.11 -5.09
C TYR C 109 28.57 39.63 -3.65
N PHE C 110 27.58 40.15 -2.94
CA PHE C 110 27.37 39.79 -1.54
C PHE C 110 27.04 38.30 -1.44
N SER C 111 26.15 37.84 -2.32
CA SER C 111 25.74 36.46 -2.34
C SER C 111 26.94 35.58 -2.66
N ILE C 112 27.82 36.08 -3.53
CA ILE C 112 29.04 35.39 -3.93
C ILE C 112 29.91 35.26 -2.68
N TYR C 113 30.01 36.38 -1.97
CA TYR C 113 30.78 36.46 -0.74
C TYR C 113 30.34 35.41 0.28
N LEU C 114 29.02 35.29 0.47
CA LEU C 114 28.48 34.33 1.41
C LEU C 114 28.73 32.90 0.95
N GLY C 115 28.87 32.72 -0.36
CA GLY C 115 29.14 31.40 -0.89
C GLY C 115 30.53 30.95 -0.48
N TYR C 116 31.48 31.88 -0.47
CA TYR C 116 32.85 31.58 -0.10
C TYR C 116 32.96 31.29 1.40
N ILE C 117 32.24 32.04 2.21
CA ILE C 117 32.25 31.83 3.65
C ILE C 117 31.85 30.39 3.94
N SER C 118 30.94 29.86 3.13
CA SER C 118 30.46 28.49 3.29
C SER C 118 31.58 27.49 2.99
N ILE C 119 32.46 27.86 2.05
CA ILE C 119 33.59 27.01 1.68
C ILE C 119 34.57 27.01 2.85
N ALA C 120 34.84 28.20 3.37
CA ALA C 120 35.76 28.36 4.48
C ALA C 120 35.29 27.58 5.71
N HIS C 121 34.00 27.66 5.99
CA HIS C 121 33.46 26.95 7.15
C HIS C 121 33.47 25.44 6.94
N HIS C 122 33.26 25.01 5.70
CA HIS C 122 33.26 23.60 5.36
C HIS C 122 34.66 22.99 5.45
N TYR C 123 35.66 23.80 5.13
CA TYR C 123 37.05 23.37 5.17
C TYR C 123 37.77 23.91 6.39
N ASN C 124 36.99 24.36 7.37
CA ASN C 124 37.53 24.90 8.61
C ASN C 124 38.57 26.00 8.35
N ILE C 125 38.52 26.60 7.17
CA ILE C 125 39.46 27.68 6.83
C ILE C 125 39.06 28.92 7.63
N GLU C 126 40.05 29.62 8.14
CA GLU C 126 39.83 30.81 8.95
C GLU C 126 39.35 32.01 8.15
N VAL C 127 38.35 32.71 8.69
CA VAL C 127 37.78 33.90 8.06
C VAL C 127 37.38 34.89 9.15
N PRO C 128 38.35 35.38 9.93
CA PRO C 128 38.12 36.34 11.02
C PRO C 128 37.29 37.56 10.62
N THR C 129 37.57 38.09 9.42
CA THR C 129 36.86 39.26 8.92
C THR C 129 35.35 39.10 9.00
N PHE C 130 34.88 37.90 8.67
CA PHE C 130 33.46 37.57 8.68
C PHE C 130 32.72 38.03 9.94
N ASN C 131 32.91 37.31 11.03
CA ASN C 131 32.26 37.61 12.29
C ASN C 131 32.36 39.07 12.72
N LYS C 132 33.33 39.79 12.17
CA LYS C 132 33.52 41.19 12.52
C LYS C 132 32.90 42.13 11.49
N THR C 133 32.15 41.58 10.54
CA THR C 133 31.53 42.41 9.50
C THR C 133 30.07 42.13 9.17
N ILE C 134 29.68 40.86 9.16
CA ILE C 134 28.31 40.49 8.83
C ILE C 134 27.22 41.40 9.40
N THR C 135 27.18 41.53 10.73
CA THR C 135 26.18 42.36 11.38
C THR C 135 26.06 43.71 10.69
N SER C 136 27.18 44.40 10.52
CA SER C 136 27.20 45.71 9.87
C SER C 136 26.76 45.57 8.42
N ASP C 137 27.29 44.56 7.74
CA ASP C 137 26.97 44.31 6.34
C ASP C 137 25.46 44.16 6.17
N LEU C 138 24.86 43.32 7.00
CA LEU C 138 23.41 43.08 6.96
C LEU C 138 22.68 44.39 7.23
N LYS C 139 23.11 45.11 8.26
CA LYS C 139 22.49 46.39 8.60
C LYS C 139 22.51 47.26 7.36
N HIS C 140 23.71 47.46 6.83
CA HIS C 140 23.94 48.26 5.64
C HIS C 140 23.03 47.88 4.48
N LEU C 141 22.87 46.58 4.25
CA LEU C 141 22.08 46.10 3.13
C LEU C 141 20.56 46.07 3.25
N TYR C 142 20.03 45.78 4.43
CA TYR C 142 18.57 45.68 4.57
C TYR C 142 17.87 46.64 5.54
N ASP C 143 18.63 47.34 6.38
CA ASP C 143 18.04 48.26 7.34
C ASP C 143 16.93 49.15 6.78
N LYS C 144 17.10 49.63 5.56
CA LYS C 144 16.09 50.51 4.95
C LYS C 144 15.42 49.93 3.70
N ARG C 145 15.24 48.62 3.67
CA ARG C 145 14.62 47.98 2.52
C ARG C 145 13.09 47.93 2.60
N THR C 146 12.44 47.91 1.44
CA THR C 146 10.99 47.85 1.36
C THR C 146 10.53 46.65 0.55
N THR C 147 10.98 46.58 -0.70
CA THR C 147 10.64 45.47 -1.59
C THR C 147 11.88 44.61 -1.82
N PHE C 148 11.69 43.30 -1.96
CA PHE C 148 12.81 42.40 -2.17
C PHE C 148 12.78 41.73 -3.54
N PHE C 149 13.98 41.50 -4.08
CA PHE C 149 14.13 40.87 -5.39
C PHE C 149 14.70 39.47 -5.22
N GLY C 150 14.70 38.70 -6.31
CA GLY C 150 15.21 37.34 -6.27
C GLY C 150 16.56 37.21 -5.60
N ILE C 151 17.49 38.08 -5.95
CA ILE C 151 18.84 38.05 -5.38
C ILE C 151 18.81 38.17 -3.86
N ASP C 152 17.81 38.87 -3.33
CA ASP C 152 17.68 39.04 -1.88
C ASP C 152 17.38 37.70 -1.24
N TYR C 153 16.41 36.98 -1.80
CA TYR C 153 16.04 35.67 -1.27
C TYR C 153 17.22 34.72 -1.41
N GLU C 154 18.04 34.94 -2.44
CA GLU C 154 19.21 34.12 -2.67
C GLU C 154 20.20 34.37 -1.55
N ILE C 155 20.42 35.64 -1.25
CA ILE C 155 21.35 36.04 -0.19
C ILE C 155 20.90 35.44 1.14
N VAL C 156 19.65 35.68 1.51
CA VAL C 156 19.12 35.15 2.76
C VAL C 156 19.22 33.63 2.79
N SER C 157 19.01 33.00 1.64
CA SER C 157 19.08 31.55 1.54
C SER C 157 20.47 31.06 1.87
N ASN C 158 21.49 31.70 1.32
CA ASN C 158 22.86 31.28 1.58
C ASN C 158 23.35 31.81 2.92
N LEU C 159 22.67 32.83 3.44
CA LEU C 159 23.03 33.42 4.72
C LEU C 159 22.68 32.46 5.85
N LEU C 160 21.59 31.72 5.68
CA LEU C 160 21.14 30.77 6.69
C LEU C 160 22.13 29.62 6.88
N ASN C 161 23.03 29.43 5.93
CA ASN C 161 24.01 28.36 6.02
C ASN C 161 25.32 28.77 6.67
N VAL C 162 25.47 30.07 6.95
CA VAL C 162 26.69 30.56 7.57
C VAL C 162 26.47 31.46 8.78
N LEU C 163 25.21 31.62 9.18
CA LEU C 163 24.88 32.46 10.32
C LEU C 163 23.73 31.88 11.13
N PRO C 164 23.85 31.86 12.47
CA PRO C 164 22.81 31.33 13.34
C PRO C 164 21.42 31.89 13.00
N TYR C 165 20.42 31.03 13.05
CA TYR C 165 19.05 31.40 12.72
C TYR C 165 18.56 32.66 13.46
N GLU C 166 18.86 32.75 14.75
CA GLU C 166 18.42 33.89 15.54
C GLU C 166 18.80 35.23 14.93
N GLU C 167 19.90 35.26 14.18
CA GLU C 167 20.35 36.50 13.55
C GLU C 167 19.68 36.77 12.21
N VAL C 168 19.48 35.72 11.42
CA VAL C 168 18.85 35.87 10.11
C VAL C 168 17.33 35.98 10.22
N SER C 169 16.79 35.42 11.29
CA SER C 169 15.35 35.43 11.55
C SER C 169 14.63 36.73 11.20
N SER C 170 15.08 37.83 11.78
CA SER C 170 14.45 39.13 11.55
C SER C 170 14.51 39.64 10.10
N ILE C 171 15.50 39.19 9.34
CA ILE C 171 15.65 39.61 7.96
C ILE C 171 14.66 38.92 7.04
N ILE C 172 14.24 37.71 7.43
CA ILE C 172 13.33 36.92 6.62
C ILE C 172 11.86 37.36 6.69
N LYS C 173 11.32 37.48 7.90
CA LYS C 173 9.92 37.85 8.10
C LYS C 173 9.34 38.93 7.17
N PRO C 174 10.07 40.04 6.96
CA PRO C 174 9.55 41.10 6.08
C PRO C 174 9.44 40.66 4.61
N MSE C 175 10.21 39.65 4.23
CA MSE C 175 10.20 39.15 2.86
C MSE C 175 9.00 38.28 2.50
O MSE C 175 8.82 37.91 1.35
CB MSE C 175 11.49 38.39 2.58
CG MSE C 175 12.73 39.24 2.74
SE MSE C 175 14.35 38.31 2.28
CE MSE C 175 14.23 38.46 0.36
N TYR C 176 8.19 37.94 3.50
CA TYR C 176 7.01 37.11 3.26
C TYR C 176 5.78 37.72 3.91
N PRO C 177 4.58 37.31 3.47
CA PRO C 177 4.33 36.34 2.40
C PRO C 177 4.60 36.89 1.01
N ILE C 178 4.67 35.99 0.03
CA ILE C 178 4.89 36.36 -1.36
C ILE C 178 3.52 36.59 -1.97
N VAL C 179 3.41 37.55 -2.89
CA VAL C 179 2.13 37.85 -3.50
C VAL C 179 2.09 37.62 -5.01
N ASP C 180 3.24 37.69 -5.66
CA ASP C 180 3.30 37.50 -7.10
C ASP C 180 4.62 36.90 -7.57
N SER C 181 4.58 36.27 -8.75
CA SER C 181 5.77 35.64 -9.33
C SER C 181 6.47 36.60 -10.29
N PHE C 182 7.80 36.54 -10.31
CA PHE C 182 8.59 37.41 -11.18
C PHE C 182 9.66 36.60 -11.91
N GLY C 183 9.27 35.46 -12.46
CA GLY C 183 10.20 34.62 -13.18
C GLY C 183 10.49 33.34 -12.42
N LYS C 184 10.90 32.30 -13.13
CA LYS C 184 11.20 31.02 -12.51
C LYS C 184 12.39 31.08 -11.56
N ASP C 185 13.38 31.90 -11.90
CA ASP C 185 14.57 32.05 -11.07
C ASP C 185 14.20 32.69 -9.73
N TYR C 186 13.16 33.52 -9.77
CA TYR C 186 12.67 34.21 -8.58
C TYR C 186 11.90 33.22 -7.72
N ASP C 187 11.10 32.38 -8.37
CA ASP C 187 10.30 31.37 -7.70
C ASP C 187 11.21 30.32 -7.06
N LEU C 188 12.37 30.13 -7.66
CA LEU C 188 13.34 29.15 -7.17
C LEU C 188 13.93 29.58 -5.84
N THR C 189 14.42 30.82 -5.78
CA THR C 189 15.03 31.32 -4.56
C THR C 189 14.07 31.56 -3.41
N ILE C 190 12.87 32.04 -3.70
CA ILE C 190 11.88 32.28 -2.66
C ILE C 190 11.49 30.97 -1.99
N GLN C 191 11.58 29.88 -2.74
CA GLN C 191 11.24 28.56 -2.21
C GLN C 191 12.40 28.01 -1.40
N THR C 192 13.61 28.35 -1.81
CA THR C 192 14.82 27.90 -1.13
C THR C 192 14.90 28.44 0.30
N VAL C 193 14.53 29.70 0.48
CA VAL C 193 14.56 30.32 1.81
C VAL C 193 13.67 29.53 2.76
N LEU C 194 12.46 29.21 2.31
CA LEU C 194 11.51 28.47 3.12
C LEU C 194 12.00 27.05 3.40
N LYS C 195 12.58 26.43 2.39
CA LYS C 195 13.10 25.07 2.54
C LYS C 195 14.23 25.02 3.55
N ASN C 196 15.18 25.94 3.43
CA ASN C 196 16.32 25.99 4.33
C ASN C 196 15.90 26.37 5.75
N ALA C 197 14.98 27.33 5.85
CA ALA C 197 14.49 27.79 7.15
C ALA C 197 13.72 26.67 7.86
N LEU C 198 12.83 26.02 7.13
CA LEU C 198 12.03 24.93 7.68
C LEU C 198 12.93 23.82 8.20
N THR C 199 14.04 23.60 7.52
CA THR C 199 15.00 22.58 7.93
C THR C 199 15.63 22.93 9.27
N ILE C 200 16.22 24.12 9.34
CA ILE C 200 16.86 24.56 10.57
C ILE C 200 15.85 24.64 11.71
N SER C 201 14.61 25.02 11.39
CA SER C 201 13.56 25.12 12.40
C SER C 201 13.22 23.76 12.99
N ILE C 202 12.96 22.78 12.14
CA ILE C 202 12.63 21.45 12.61
C ILE C 202 13.82 20.79 13.30
N MSE C 203 15.03 21.10 12.84
CA MSE C 203 16.25 20.56 13.42
C MSE C 203 16.45 21.04 14.86
O MSE C 203 16.68 20.25 15.77
CB MSE C 203 17.47 20.98 12.61
CG MSE C 203 17.60 20.34 11.24
SE MSE C 203 19.19 19.27 11.10
CE MSE C 203 20.50 20.67 11.13
N ASN C 204 16.36 22.35 15.05
CA ASN C 204 16.55 22.93 16.38
C ASN C 204 15.28 22.84 17.23
N ARG C 205 14.28 22.14 16.69
CA ARG C 205 13.01 21.96 17.38
C ARG C 205 12.26 23.25 17.69
N ASN C 206 12.23 24.16 16.73
CA ASN C 206 11.52 25.43 16.90
C ASN C 206 10.18 25.25 16.17
N LEU C 207 9.38 24.32 16.66
CA LEU C 207 8.09 23.98 16.09
C LEU C 207 7.16 25.11 15.67
N LYS C 208 7.25 26.27 16.31
CA LYS C 208 6.36 27.36 15.91
C LYS C 208 6.90 28.02 14.65
N GLU C 209 8.22 28.08 14.53
CA GLU C 209 8.87 28.67 13.37
C GLU C 209 8.62 27.72 12.19
N ALA C 210 8.78 26.42 12.45
CA ALA C 210 8.58 25.41 11.43
C ALA C 210 7.20 25.52 10.79
N GLN C 211 6.18 25.67 11.62
CA GLN C 211 4.80 25.80 11.16
C GLN C 211 4.68 27.01 10.22
N TYR C 212 5.26 28.12 10.64
CA TYR C 212 5.24 29.36 9.87
C TYR C 212 5.71 29.12 8.44
N TYR C 213 6.86 28.47 8.31
CA TYR C 213 7.44 28.17 7.01
C TYR C 213 6.62 27.17 6.20
N ILE C 214 6.04 26.19 6.88
CA ILE C 214 5.22 25.18 6.21
C ILE C 214 4.03 25.92 5.59
N ASN C 215 3.53 26.93 6.30
CA ASN C 215 2.39 27.70 5.84
C ASN C 215 2.76 28.64 4.70
N GLN C 216 3.95 29.21 4.77
CA GLN C 216 4.42 30.12 3.73
C GLN C 216 4.59 29.40 2.40
N PHE C 217 5.10 28.17 2.45
CA PHE C 217 5.28 27.40 1.23
C PHE C 217 3.92 27.02 0.67
N GLU C 218 3.01 26.64 1.56
CA GLU C 218 1.66 26.26 1.14
C GLU C 218 0.96 27.45 0.51
N HIS C 219 1.32 28.64 0.97
CA HIS C 219 0.74 29.87 0.45
C HIS C 219 1.15 30.06 -1.00
N LEU C 220 2.41 29.75 -1.31
CA LEU C 220 2.91 29.90 -2.66
C LEU C 220 2.11 29.07 -3.65
N LYS C 221 1.56 27.96 -3.19
CA LYS C 221 0.77 27.07 -4.05
C LYS C 221 -0.54 27.72 -4.47
N THR C 222 -0.92 28.81 -3.82
CA THR C 222 -2.16 29.49 -4.14
C THR C 222 -1.94 30.61 -5.14
N ILE C 223 -0.68 30.96 -5.36
CA ILE C 223 -0.35 32.01 -6.30
C ILE C 223 0.00 31.44 -7.66
N LYS C 224 -1.00 31.30 -8.52
CA LYS C 224 -0.76 30.79 -9.86
C LYS C 224 0.35 31.63 -10.46
N ASN C 225 1.23 30.99 -11.22
CA ASN C 225 2.36 31.64 -11.87
C ASN C 225 3.67 31.48 -11.08
N ILE C 226 3.56 31.01 -9.84
CA ILE C 226 4.75 30.82 -9.02
C ILE C 226 5.60 29.65 -9.52
N SER C 227 4.94 28.60 -10.01
CA SER C 227 5.67 27.44 -10.52
C SER C 227 6.57 26.84 -9.43
N ILE C 228 6.00 25.89 -8.67
CA ILE C 228 6.73 25.25 -7.57
C ILE C 228 7.74 24.21 -8.04
N ASN C 229 8.85 24.10 -7.31
CA ASN C 229 9.90 23.13 -7.63
C ASN C 229 9.49 21.76 -7.12
N GLY C 230 9.36 20.81 -8.05
CA GLY C 230 8.98 19.45 -7.68
C GLY C 230 9.85 18.87 -6.58
N TYR C 231 11.16 18.93 -6.75
CA TYR C 231 12.07 18.39 -5.76
C TYR C 231 11.87 19.04 -4.39
N TYR C 232 11.65 20.35 -4.38
CA TYR C 232 11.43 21.05 -3.12
C TYR C 232 10.10 20.62 -2.50
N ASP C 233 9.10 20.40 -3.34
CA ASP C 233 7.79 19.97 -2.87
C ASP C 233 7.97 18.66 -2.11
N LEU C 234 8.81 17.77 -2.63
CA LEU C 234 9.08 16.48 -1.99
C LEU C 234 9.82 16.68 -0.68
N GLU C 235 10.93 17.41 -0.75
CA GLU C 235 11.76 17.66 0.42
C GLU C 235 10.98 18.39 1.51
N ILE C 236 10.28 19.46 1.15
CA ILE C 236 9.52 20.21 2.12
C ILE C 236 8.41 19.38 2.76
N ASN C 237 7.80 18.50 1.97
CA ASN C 237 6.73 17.66 2.50
C ASN C 237 7.28 16.64 3.50
N TYR C 238 8.50 16.17 3.28
CA TYR C 238 9.12 15.22 4.18
C TYR C 238 9.37 15.91 5.52
N LEU C 239 9.73 17.19 5.46
CA LEU C 239 9.97 17.97 6.66
C LEU C 239 8.62 18.19 7.33
N LYS C 240 7.59 18.41 6.50
CA LYS C 240 6.24 18.62 6.99
C LYS C 240 5.77 17.36 7.72
N GLN C 241 6.21 16.21 7.23
CA GLN C 241 5.84 14.92 7.83
C GLN C 241 6.59 14.72 9.15
N ILE C 242 7.84 15.18 9.19
CA ILE C 242 8.67 15.07 10.38
C ILE C 242 8.08 15.98 11.45
N TYR C 243 7.61 17.14 11.00
CA TYR C 243 7.01 18.14 11.87
C TYR C 243 5.83 17.51 12.60
N GLN C 244 4.91 16.94 11.82
CA GLN C 244 3.72 16.31 12.37
C GLN C 244 4.10 15.22 13.37
N PHE C 245 5.08 14.39 13.00
CA PHE C 245 5.55 13.31 13.85
C PHE C 245 5.98 13.84 15.22
N LEU C 246 6.68 14.98 15.22
CA LEU C 246 7.17 15.55 16.47
C LEU C 246 6.05 16.16 17.32
N THR C 247 4.87 16.34 16.73
CA THR C 247 3.74 16.90 17.46
C THR C 247 2.64 15.87 17.70
N ASP C 248 1.88 15.56 16.66
CA ASP C 248 0.79 14.59 16.77
C ASP C 248 1.32 13.18 17.01
N LYS C 249 2.63 13.05 17.15
CA LYS C 249 3.29 11.78 17.41
C LYS C 249 2.57 10.56 16.84
N ASN C 250 2.70 10.34 15.54
CA ASN C 250 2.06 9.22 14.87
C ASN C 250 3.11 8.58 13.96
N ILE C 251 3.44 7.32 14.23
CA ILE C 251 4.43 6.61 13.44
C ILE C 251 4.18 6.75 11.94
N ASP C 252 2.92 6.91 11.55
CA ASP C 252 2.58 7.07 10.13
C ASP C 252 3.33 8.26 9.54
N SER C 253 3.31 9.38 10.26
CA SER C 253 3.99 10.59 9.80
C SER C 253 5.47 10.32 9.55
N TYR C 254 6.10 9.61 10.48
CA TYR C 254 7.52 9.28 10.37
C TYR C 254 7.76 8.36 9.17
N LEU C 255 6.91 7.34 9.02
CA LEU C 255 7.01 6.41 7.91
C LEU C 255 6.94 7.15 6.58
N ASN C 256 6.04 8.14 6.53
CA ASN C 256 5.87 8.93 5.32
C ASN C 256 7.15 9.68 5.01
N ALA C 257 7.76 10.25 6.05
CA ALA C 257 9.01 10.99 5.88
C ALA C 257 10.04 10.06 5.24
N VAL C 258 10.15 8.86 5.80
CA VAL C 258 11.08 7.86 5.29
C VAL C 258 10.78 7.53 3.83
N ASN C 259 9.50 7.27 3.56
CA ASN C 259 9.03 6.94 2.22
C ASN C 259 9.46 8.00 1.21
N ILE C 260 9.26 9.26 1.56
CA ILE C 260 9.62 10.37 0.68
C ILE C 260 11.13 10.37 0.44
N ILE C 261 11.90 10.27 1.52
CA ILE C 261 13.35 10.23 1.49
C ILE C 261 13.80 9.16 0.48
N ASN C 262 13.16 8.01 0.59
CA ASN C 262 13.43 6.84 -0.25
C ASN C 262 13.22 7.13 -1.73
N ILE C 263 12.10 7.76 -2.05
CA ILE C 263 11.75 8.09 -3.42
C ILE C 263 12.90 8.77 -4.15
N PHE C 264 13.63 9.61 -3.43
CA PHE C 264 14.76 10.33 -4.00
C PHE C 264 15.81 9.34 -4.52
N LYS C 265 15.98 8.24 -3.79
CA LYS C 265 16.94 7.21 -4.17
C LYS C 265 16.43 6.43 -5.38
N ILE C 266 15.15 6.08 -5.34
CA ILE C 266 14.51 5.33 -6.43
C ILE C 266 14.58 6.03 -7.78
N ILE C 267 14.65 7.36 -7.78
CA ILE C 267 14.68 8.12 -9.02
C ILE C 267 16.06 8.59 -9.48
N GLY C 268 17.11 8.08 -8.85
CA GLY C 268 18.46 8.45 -9.25
C GLY C 268 19.11 9.62 -8.55
N LYS C 269 18.40 10.27 -7.65
CA LYS C 269 18.95 11.42 -6.93
C LYS C 269 19.81 10.95 -5.76
N GLU C 270 20.75 10.05 -6.07
CA GLU C 270 21.64 9.49 -5.05
C GLU C 270 22.28 10.50 -4.12
N ASP C 271 22.93 11.51 -4.69
CA ASP C 271 23.60 12.54 -3.91
C ASP C 271 22.68 13.23 -2.90
N ILE C 272 21.55 13.72 -3.39
CA ILE C 272 20.56 14.41 -2.55
C ILE C 272 19.93 13.45 -1.54
N HIS C 273 19.81 12.18 -1.93
CA HIS C 273 19.24 11.17 -1.05
C HIS C 273 20.16 10.93 0.14
N ARG C 274 21.44 10.74 -0.12
CA ARG C 274 22.42 10.49 0.92
C ARG C 274 22.38 11.63 1.94
N SER C 275 22.30 12.87 1.43
CA SER C 275 22.23 14.05 2.29
C SER C 275 20.98 13.98 3.17
N LEU C 276 19.85 13.67 2.54
CA LEU C 276 18.58 13.56 3.23
C LEU C 276 18.68 12.57 4.39
N VAL C 277 19.19 11.38 4.11
CA VAL C 277 19.35 10.34 5.12
C VAL C 277 20.18 10.86 6.29
N GLU C 278 21.29 11.51 5.97
CA GLU C 278 22.18 12.07 6.98
C GLU C 278 21.39 13.02 7.87
N GLU C 279 20.44 13.72 7.26
CA GLU C 279 19.61 14.69 7.96
C GLU C 279 18.59 14.03 8.88
N LEU C 280 17.91 13.00 8.39
CA LEU C 280 16.92 12.29 9.18
C LEU C 280 17.58 11.74 10.44
N THR C 281 18.78 11.22 10.29
CA THR C 281 19.51 10.65 11.41
C THR C 281 19.74 11.66 12.53
N LYS C 282 20.18 12.86 12.19
CA LYS C 282 20.46 13.88 13.20
C LYS C 282 19.34 14.11 14.23
N ILE C 283 18.25 13.35 14.11
CA ILE C 283 17.14 13.46 15.05
C ILE C 283 17.35 12.46 16.19
N SER C 284 18.07 12.89 17.22
CA SER C 284 18.37 12.06 18.38
C SER C 284 18.36 10.57 18.08
N MSE D 1 3.38 50.05 -24.34
CA MSE D 1 4.34 48.91 -24.36
C MSE D 1 4.61 48.44 -22.93
O MSE D 1 3.70 48.41 -22.09
CB MSE D 1 5.65 49.35 -25.03
CG MSE D 1 6.61 48.22 -25.36
SE MSE D 1 5.87 46.93 -26.59
CE MSE D 1 6.33 47.80 -28.25
N PHE D 2 5.86 48.07 -22.65
CA PHE D 2 6.24 47.61 -21.31
C PHE D 2 7.21 48.62 -20.72
N LYS D 3 6.75 49.34 -19.70
CA LYS D 3 7.55 50.37 -19.07
C LYS D 3 8.75 49.85 -18.29
N ILE D 4 9.78 49.44 -19.02
CA ILE D 4 11.03 48.94 -18.43
C ILE D 4 11.70 50.07 -17.66
N GLY D 5 11.38 51.30 -18.05
CA GLY D 5 11.96 52.47 -17.41
C GLY D 5 11.55 52.64 -15.95
N SER D 6 10.24 52.68 -15.72
CA SER D 6 9.72 52.84 -14.36
C SER D 6 10.32 51.78 -13.44
N VAL D 7 10.43 50.56 -13.94
CA VAL D 7 11.00 49.46 -13.17
C VAL D 7 12.44 49.78 -12.78
N LEU D 8 13.22 50.27 -13.73
CA LEU D 8 14.61 50.62 -13.47
C LEU D 8 14.72 51.63 -12.34
N LYS D 9 13.89 52.67 -12.40
CA LYS D 9 13.91 53.70 -11.36
C LYS D 9 13.52 53.06 -10.03
N GLN D 10 12.48 52.24 -10.07
CA GLN D 10 11.98 51.54 -8.89
C GLN D 10 13.11 50.79 -8.19
N ILE D 11 13.77 49.90 -8.92
CA ILE D 11 14.86 49.12 -8.38
C ILE D 11 16.03 50.00 -7.90
N ARG D 12 16.40 50.99 -8.69
CA ARG D 12 17.50 51.87 -8.34
C ARG D 12 17.25 52.57 -7.01
N GLN D 13 16.07 53.15 -6.86
CA GLN D 13 15.70 53.85 -5.63
C GLN D 13 15.64 52.91 -4.44
N GLU D 14 14.96 51.78 -4.61
CA GLU D 14 14.84 50.80 -3.54
C GLU D 14 16.20 50.39 -3.01
N LEU D 15 17.18 50.27 -3.91
CA LEU D 15 18.53 49.89 -3.52
C LEU D 15 19.37 51.11 -3.19
N ASN D 16 18.75 52.29 -3.26
CA ASN D 16 19.41 53.55 -2.97
C ASN D 16 20.63 53.83 -3.86
N TYR D 17 20.42 53.80 -5.17
CA TYR D 17 21.48 54.08 -6.13
C TYR D 17 21.13 55.38 -6.84
N HIS D 18 22.14 56.20 -7.12
CA HIS D 18 21.91 57.46 -7.81
C HIS D 18 22.04 57.25 -9.31
N GLN D 19 21.38 58.10 -10.10
CA GLN D 19 21.42 57.98 -11.55
C GLN D 19 22.86 57.89 -12.07
N ILE D 20 23.75 58.63 -11.45
CA ILE D 20 25.16 58.63 -11.85
C ILE D 20 25.79 57.26 -11.67
N ASP D 21 25.16 56.42 -10.85
CA ASP D 21 25.66 55.09 -10.59
C ASP D 21 25.31 54.10 -11.70
N LEU D 22 24.34 54.46 -12.54
CA LEU D 22 23.92 53.59 -13.62
C LEU D 22 24.40 53.99 -15.02
N TYR D 23 24.16 55.25 -15.40
CA TYR D 23 24.56 55.72 -16.72
C TYR D 23 26.04 56.07 -16.87
N SER D 24 26.75 56.17 -15.76
CA SER D 24 28.18 56.50 -15.80
C SER D 24 28.96 55.50 -16.63
N GLY D 25 29.28 55.89 -17.86
CA GLY D 25 30.02 55.00 -18.74
C GLY D 25 29.13 54.30 -19.75
N ILE D 26 27.83 54.56 -19.65
CA ILE D 26 26.87 53.93 -20.55
C ILE D 26 26.16 54.96 -21.43
N MSE D 27 25.73 56.08 -20.84
CA MSE D 27 25.04 57.12 -21.59
C MSE D 27 25.00 58.44 -20.84
O MSE D 27 25.38 58.52 -19.67
CB MSE D 27 23.62 56.68 -21.94
CG MSE D 27 22.77 56.32 -20.74
SE MSE D 27 20.98 55.84 -21.25
CE MSE D 27 21.32 54.03 -21.80
N SER D 28 24.53 59.48 -21.51
CA SER D 28 24.44 60.81 -20.91
C SER D 28 23.27 60.89 -19.92
N LYS D 29 23.45 61.69 -18.88
CA LYS D 29 22.42 61.86 -17.87
C LYS D 29 21.13 62.38 -18.50
N SER D 30 21.27 63.02 -19.66
CA SER D 30 20.13 63.58 -20.38
C SER D 30 19.20 62.49 -20.89
N VAL D 31 19.73 61.62 -21.74
CA VAL D 31 18.95 60.53 -22.33
C VAL D 31 18.50 59.49 -21.31
N TYR D 32 19.32 59.24 -20.29
CA TYR D 32 18.96 58.25 -19.27
C TYR D 32 17.62 58.62 -18.64
N ILE D 33 17.41 59.89 -18.36
CA ILE D 33 16.16 60.36 -17.76
C ILE D 33 15.01 59.99 -18.69
N LYS D 34 15.29 59.98 -19.99
CA LYS D 34 14.28 59.65 -20.99
C LYS D 34 13.95 58.17 -20.94
N VAL D 35 14.99 57.34 -20.81
CA VAL D 35 14.81 55.89 -20.73
C VAL D 35 13.97 55.58 -19.50
N GLU D 36 14.43 56.08 -18.36
CA GLU D 36 13.75 55.86 -17.09
C GLU D 36 12.35 56.43 -17.08
N ALA D 37 12.13 57.50 -17.84
CA ALA D 37 10.81 58.13 -17.92
C ALA D 37 9.97 57.40 -18.95
N ASP D 38 10.53 56.33 -19.52
CA ASP D 38 9.84 55.54 -20.54
C ASP D 38 9.37 56.41 -21.70
N SER D 39 10.31 57.15 -22.27
CA SER D 39 10.04 58.02 -23.41
C SER D 39 11.05 57.73 -24.51
N ARG D 40 11.99 56.85 -24.20
CA ARG D 40 13.03 56.46 -25.15
C ARG D 40 13.23 54.96 -25.09
N PRO D 41 13.11 54.27 -26.24
CA PRO D 41 13.28 52.82 -26.25
C PRO D 41 14.64 52.43 -25.70
N ILE D 42 14.68 51.35 -24.92
CA ILE D 42 15.94 50.88 -24.34
C ILE D 42 16.40 49.62 -25.06
N SER D 43 17.68 49.58 -25.41
CA SER D 43 18.23 48.42 -26.11
C SER D 43 18.62 47.32 -25.15
N VAL D 44 18.59 46.08 -25.64
CA VAL D 44 18.95 44.93 -24.81
C VAL D 44 20.36 45.07 -24.25
N GLU D 45 21.27 45.58 -25.07
CA GLU D 45 22.66 45.77 -24.65
C GLU D 45 22.74 46.71 -23.46
N GLU D 46 21.89 47.74 -23.46
CA GLU D 46 21.88 48.71 -22.37
C GLU D 46 21.26 48.13 -21.11
N LEU D 47 20.02 47.65 -21.22
CA LEU D 47 19.32 47.06 -20.09
C LEU D 47 20.22 46.04 -19.39
N SER D 48 20.93 45.25 -20.19
CA SER D 48 21.82 44.24 -19.66
C SER D 48 22.85 44.89 -18.74
N LYS D 49 23.42 46.01 -19.17
CA LYS D 49 24.42 46.73 -18.39
C LYS D 49 23.82 47.30 -17.11
N PHE D 50 22.64 47.89 -17.21
CA PHE D 50 21.97 48.45 -16.04
C PHE D 50 21.70 47.31 -15.07
N SER D 51 21.33 46.16 -15.62
CA SER D 51 21.02 44.98 -14.83
C SER D 51 22.21 44.58 -13.95
N GLU D 52 23.42 44.82 -14.44
CA GLU D 52 24.62 44.49 -13.68
C GLU D 52 24.91 45.58 -12.65
N ARG D 53 24.57 46.82 -12.99
CA ARG D 53 24.77 47.94 -12.08
C ARG D 53 23.88 47.76 -10.86
N LEU D 54 22.61 47.47 -11.10
CA LEU D 54 21.63 47.27 -10.05
C LEU D 54 21.91 46.03 -9.21
N GLY D 55 22.30 44.94 -9.86
CA GLY D 55 22.59 43.71 -9.15
C GLY D 55 21.39 42.78 -9.17
N VAL D 56 20.30 43.23 -9.80
CA VAL D 56 19.09 42.45 -9.91
C VAL D 56 19.09 41.67 -11.21
N ASN D 57 18.54 40.46 -11.18
CA ASN D 57 18.50 39.61 -12.36
C ASN D 57 17.90 40.32 -13.57
N PHE D 58 18.53 40.11 -14.72
CA PHE D 58 18.11 40.71 -15.98
C PHE D 58 16.71 40.26 -16.40
N PHE D 59 16.46 38.96 -16.33
CA PHE D 59 15.15 38.43 -16.72
C PHE D 59 14.10 38.82 -15.70
N GLU D 60 14.50 39.01 -14.45
CA GLU D 60 13.57 39.39 -13.40
C GLU D 60 13.07 40.81 -13.69
N ILE D 61 14.00 41.66 -14.12
CA ILE D 61 13.67 43.04 -14.45
C ILE D 61 12.62 43.05 -15.56
N LEU D 62 12.83 42.23 -16.59
CA LEU D 62 11.90 42.15 -17.70
C LEU D 62 10.55 41.66 -17.19
N ASN D 63 10.56 40.68 -16.31
CA ASN D 63 9.32 40.15 -15.75
C ASN D 63 8.56 41.25 -15.03
N ARG D 64 9.26 41.98 -14.17
CA ARG D 64 8.65 43.06 -13.41
C ARG D 64 8.08 44.13 -14.34
N ALA D 65 8.70 44.27 -15.50
CA ALA D 65 8.27 45.26 -16.49
C ALA D 65 6.96 44.85 -17.18
N GLY D 66 6.63 43.57 -17.12
CA GLY D 66 5.41 43.10 -17.74
C GLY D 66 5.61 41.91 -18.65
N MSE D 67 6.86 41.50 -18.82
CA MSE D 67 7.19 40.35 -19.66
C MSE D 67 6.60 39.09 -19.03
O MSE D 67 6.71 37.99 -19.58
CB MSE D 67 8.71 40.16 -19.77
CG MSE D 67 9.48 41.33 -20.34
SE MSE D 67 9.02 41.76 -22.16
CE MSE D 67 9.54 43.62 -22.13
N ASN D 68 6.00 39.28 -17.86
CA ASN D 68 5.41 38.20 -17.07
C ASN D 68 4.31 37.40 -17.75
N THR D 69 3.22 37.20 -17.01
CA THR D 69 2.06 36.43 -17.45
C THR D 69 1.75 36.53 -18.94
N LYS D 70 1.46 35.40 -19.55
CA LYS D 70 1.14 35.35 -20.97
C LYS D 70 -0.32 35.72 -21.16
N SER D 71 -0.68 36.90 -20.65
CA SER D 71 -2.03 37.45 -20.76
C SER D 71 -1.81 38.87 -21.25
N VAL D 72 -0.55 39.16 -21.53
CA VAL D 72 -0.12 40.46 -22.03
C VAL D 72 0.51 40.23 -23.40
N ASN D 73 0.03 39.18 -24.06
CA ASN D 73 0.49 38.80 -25.39
C ASN D 73 -0.68 38.16 -26.12
N GLU D 74 -0.98 38.64 -27.33
CA GLU D 74 -2.09 38.11 -28.10
C GLU D 74 -2.23 36.60 -27.99
N THR D 75 -1.23 35.87 -28.47
CA THR D 75 -1.25 34.41 -28.41
C THR D 75 -1.26 33.91 -26.97
N GLY D 76 -0.67 34.69 -26.07
CA GLY D 76 -0.64 34.31 -24.68
C GLY D 76 -2.05 34.18 -24.10
N LYS D 77 -2.89 35.16 -24.38
CA LYS D 77 -4.26 35.15 -23.89
C LYS D 77 -5.03 33.98 -24.48
N GLU D 78 -4.75 33.67 -25.74
CA GLU D 78 -5.41 32.57 -26.42
C GLU D 78 -5.13 31.25 -25.72
N LYS D 79 -3.90 31.08 -25.23
CA LYS D 79 -3.51 29.86 -24.53
C LYS D 79 -4.18 29.74 -23.17
N LEU D 80 -4.27 30.84 -22.44
CA LEU D 80 -4.90 30.82 -21.12
C LEU D 80 -6.39 30.56 -21.32
N LEU D 81 -6.91 31.05 -22.45
CA LEU D 81 -8.31 30.88 -22.82
C LEU D 81 -8.64 29.40 -22.97
N ILE D 82 -7.72 28.65 -23.56
CA ILE D 82 -7.91 27.23 -23.77
C ILE D 82 -8.32 26.54 -22.47
N SER D 83 -7.68 26.92 -21.38
CA SER D 83 -7.98 26.36 -20.07
C SER D 83 -9.43 26.67 -19.68
N LYS D 84 -9.88 27.88 -20.04
CA LYS D 84 -11.23 28.32 -19.74
C LYS D 84 -12.27 27.48 -20.47
N ILE D 85 -12.13 27.40 -21.79
CA ILE D 85 -13.07 26.63 -22.61
C ILE D 85 -13.15 25.18 -22.16
N PHE D 86 -12.07 24.67 -21.58
CA PHE D 86 -12.05 23.29 -21.09
C PHE D 86 -13.02 23.13 -19.93
N THR D 87 -13.33 24.26 -19.28
CA THR D 87 -14.24 24.27 -18.15
C THR D 87 -15.62 24.76 -18.60
N ASN D 88 -15.66 25.44 -19.74
CA ASN D 88 -16.91 25.96 -20.28
C ASN D 88 -16.95 25.68 -21.78
N PRO D 89 -17.20 24.42 -22.16
CA PRO D 89 -17.26 23.98 -23.56
C PRO D 89 -18.22 24.77 -24.44
N ASP D 90 -19.16 25.48 -23.82
CA ASP D 90 -20.14 26.26 -24.55
C ASP D 90 -19.45 27.40 -25.31
N LEU D 91 -18.22 27.71 -24.90
CA LEU D 91 -17.46 28.77 -25.53
C LEU D 91 -16.53 28.28 -26.63
N PHE D 92 -16.65 27.00 -26.99
CA PHE D 92 -15.81 26.44 -28.04
C PHE D 92 -16.19 27.04 -29.39
N ASP D 93 -17.35 26.64 -29.90
CA ASP D 93 -17.86 27.10 -31.19
C ASP D 93 -17.31 28.45 -31.65
N LYS D 94 -17.75 29.52 -30.99
CA LYS D 94 -17.34 30.88 -31.28
C LYS D 94 -15.83 31.07 -31.45
N ASN D 95 -15.07 30.73 -30.41
CA ASN D 95 -13.62 30.89 -30.44
C ASN D 95 -12.87 30.04 -31.46
N PHE D 96 -13.25 28.77 -31.60
CA PHE D 96 -12.57 27.92 -32.57
C PHE D 96 -12.68 28.51 -33.97
N GLN D 97 -13.88 28.90 -34.35
CA GLN D 97 -14.12 29.48 -35.67
C GLN D 97 -13.19 30.67 -35.91
N ARG D 98 -12.63 31.21 -34.82
CA ARG D 98 -11.73 32.34 -34.89
C ARG D 98 -10.28 31.91 -35.06
N ILE D 99 -9.86 30.92 -34.26
CA ILE D 99 -8.50 30.41 -34.31
C ILE D 99 -8.23 29.53 -35.53
N GLU D 100 -9.11 28.56 -35.74
CA GLU D 100 -8.99 27.60 -36.84
C GLU D 100 -8.40 28.15 -38.15
N PRO D 101 -8.96 29.26 -38.66
CA PRO D 101 -8.45 29.85 -39.92
C PRO D 101 -7.03 30.42 -39.86
N LYS D 102 -6.59 30.80 -38.67
CA LYS D 102 -5.25 31.37 -38.51
C LYS D 102 -4.33 30.41 -37.77
N ARG D 103 -4.53 29.12 -37.98
CA ARG D 103 -3.72 28.09 -37.33
C ARG D 103 -2.31 27.98 -37.90
N LEU D 104 -2.12 28.41 -39.14
CA LEU D 104 -0.80 28.35 -39.75
C LEU D 104 -0.10 29.70 -39.84
N THR D 105 -0.66 30.69 -39.14
CA THR D 105 -0.09 32.03 -39.15
C THR D 105 1.27 32.03 -38.46
N SER D 106 1.40 31.23 -37.39
CA SER D 106 2.64 31.12 -36.64
C SER D 106 2.62 29.83 -35.84
N LEU D 107 3.80 29.35 -35.45
CA LEU D 107 3.90 28.13 -34.67
C LEU D 107 3.10 28.25 -33.38
N GLN D 108 2.97 29.48 -32.89
CA GLN D 108 2.23 29.73 -31.66
C GLN D 108 0.75 29.44 -31.88
N TYR D 109 0.20 29.95 -32.98
CA TYR D 109 -1.20 29.74 -33.28
C TYR D 109 -1.53 28.28 -33.57
N PHE D 110 -0.59 27.55 -34.16
CA PHE D 110 -0.83 26.14 -34.47
C PHE D 110 -0.99 25.36 -33.17
N SER D 111 -0.13 25.65 -32.19
CA SER D 111 -0.20 24.98 -30.90
C SER D 111 -1.53 25.29 -30.23
N ILE D 112 -2.01 26.51 -30.42
CA ILE D 112 -3.29 26.92 -29.85
C ILE D 112 -4.38 26.11 -30.54
N TYR D 113 -4.25 25.97 -31.85
CA TYR D 113 -5.18 25.22 -32.66
C TYR D 113 -5.31 23.78 -32.15
N LEU D 114 -4.17 23.15 -31.90
CA LEU D 114 -4.13 21.78 -31.40
C LEU D 114 -4.77 21.69 -30.02
N GLY D 115 -4.70 22.77 -29.27
CA GLY D 115 -5.28 22.78 -27.93
C GLY D 115 -6.79 22.69 -28.03
N TYR D 116 -7.36 23.38 -29.02
CA TYR D 116 -8.80 23.39 -29.25
C TYR D 116 -9.29 22.02 -29.69
N ILE D 117 -8.54 21.38 -30.58
CA ILE D 117 -8.90 20.07 -31.08
C ILE D 117 -9.05 19.11 -29.90
N SER D 118 -8.22 19.29 -28.88
CA SER D 118 -8.26 18.45 -27.69
C SER D 118 -9.56 18.69 -26.93
N ILE D 119 -10.06 19.92 -26.96
CA ILE D 119 -11.31 20.24 -26.27
C ILE D 119 -12.45 19.57 -27.02
N ALA D 120 -12.41 19.68 -28.36
CA ALA D 120 -13.43 19.09 -29.21
C ALA D 120 -13.48 17.58 -29.02
N HIS D 121 -12.32 16.95 -28.98
CA HIS D 121 -12.26 15.50 -28.80
C HIS D 121 -12.74 15.08 -27.42
N HIS D 122 -12.42 15.90 -26.42
CA HIS D 122 -12.83 15.60 -25.04
C HIS D 122 -14.34 15.74 -24.85
N TYR D 123 -14.95 16.68 -25.58
CA TYR D 123 -16.39 16.91 -25.50
C TYR D 123 -17.10 16.32 -26.70
N ASN D 124 -16.43 15.40 -27.38
CA ASN D 124 -16.97 14.75 -28.57
C ASN D 124 -17.55 15.73 -29.59
N ILE D 125 -17.09 16.97 -29.53
CA ILE D 125 -17.54 18.00 -30.46
C ILE D 125 -16.93 17.69 -31.82
N GLU D 126 -17.73 17.84 -32.87
CA GLU D 126 -17.28 17.57 -34.24
C GLU D 126 -16.29 18.58 -34.78
N VAL D 127 -15.26 18.09 -35.46
CA VAL D 127 -14.23 18.92 -36.06
C VAL D 127 -13.73 18.24 -37.34
N PRO D 128 -14.63 18.09 -38.33
CA PRO D 128 -14.32 17.46 -39.63
C PRO D 128 -13.08 18.03 -40.31
N THR D 129 -12.94 19.35 -40.25
CA THR D 129 -11.80 20.03 -40.86
C THR D 129 -10.47 19.41 -40.46
N PHE D 130 -10.35 19.05 -39.19
CA PHE D 130 -9.13 18.46 -38.65
C PHE D 130 -8.56 17.33 -39.50
N ASN D 131 -9.20 16.16 -39.43
CA ASN D 131 -8.77 14.98 -40.17
C ASN D 131 -8.45 15.26 -41.64
N LYS D 132 -9.02 16.32 -42.18
CA LYS D 132 -8.81 16.68 -43.58
C LYS D 132 -7.71 17.71 -43.77
N THR D 133 -7.01 18.07 -42.69
CA THR D 133 -5.97 19.08 -42.78
C THR D 133 -4.64 18.78 -42.11
N ILE D 134 -4.68 18.15 -40.93
CA ILE D 134 -3.46 17.84 -40.18
C ILE D 134 -2.28 17.38 -41.03
N THR D 135 -2.47 16.29 -41.75
CA THR D 135 -1.42 15.73 -42.60
C THR D 135 -0.71 16.83 -43.40
N SER D 136 -1.49 17.61 -44.14
CA SER D 136 -0.95 18.70 -44.94
C SER D 136 -0.31 19.75 -44.04
N ASP D 137 -1.01 20.10 -42.96
CA ASP D 137 -0.51 21.08 -42.01
C ASP D 137 0.87 20.68 -41.50
N LEU D 138 1.00 19.43 -41.07
CA LEU D 138 2.27 18.93 -40.55
C LEU D 138 3.32 18.98 -41.65
N LYS D 139 2.94 18.52 -42.85
CA LYS D 139 3.85 18.54 -43.99
C LYS D 139 4.36 19.97 -44.15
N HIS D 140 3.42 20.89 -44.31
CA HIS D 140 3.72 22.30 -44.47
C HIS D 140 4.66 22.85 -43.41
N LEU D 141 4.43 22.48 -42.15
CA LEU D 141 5.22 22.97 -41.02
C LEU D 141 6.60 22.37 -40.77
N TYR D 142 6.77 21.07 -40.97
CA TYR D 142 8.05 20.44 -40.69
C TYR D 142 8.82 19.78 -41.84
N ASP D 143 8.18 19.59 -42.98
CA ASP D 143 8.83 18.96 -44.13
C ASP D 143 10.26 19.43 -44.39
N LYS D 144 10.52 20.72 -44.26
CA LYS D 144 11.85 21.26 -44.51
C LYS D 144 12.52 21.88 -43.29
N ARG D 145 12.27 21.32 -42.11
CA ARG D 145 12.85 21.85 -40.88
C ARG D 145 14.24 21.27 -40.59
N THR D 146 15.06 22.05 -39.89
CA THR D 146 16.41 21.62 -39.52
C THR D 146 16.60 21.69 -38.01
N THR D 147 16.40 22.88 -37.44
CA THR D 147 16.54 23.09 -36.01
C THR D 147 15.16 23.34 -35.40
N PHE D 148 14.95 22.88 -34.18
CA PHE D 148 13.65 23.06 -33.52
C PHE D 148 13.73 23.95 -32.29
N PHE D 149 12.66 24.70 -32.08
CA PHE D 149 12.58 25.61 -30.94
C PHE D 149 11.56 25.10 -29.93
N GLY D 150 11.54 25.71 -28.75
CA GLY D 150 10.61 25.30 -27.71
C GLY D 150 9.18 25.10 -28.19
N ILE D 151 8.67 26.06 -28.95
CA ILE D 151 7.31 25.99 -29.45
C ILE D 151 7.07 24.73 -30.28
N ASP D 152 8.11 24.24 -30.94
CA ASP D 152 8.00 23.03 -31.74
C ASP D 152 7.72 21.84 -30.85
N TYR D 153 8.49 21.71 -29.77
CA TYR D 153 8.30 20.62 -28.84
C TYR D 153 6.94 20.73 -28.18
N GLU D 154 6.46 21.96 -28.04
CA GLU D 154 5.15 22.19 -27.44
C GLU D 154 4.10 21.67 -28.41
N ILE D 155 4.25 22.00 -29.69
CA ILE D 155 3.30 21.55 -30.70
C ILE D 155 3.26 20.02 -30.75
N VAL D 156 4.43 19.39 -30.88
CA VAL D 156 4.48 17.94 -30.92
C VAL D 156 3.91 17.33 -29.65
N SER D 157 4.13 18.00 -28.52
CA SER D 157 3.62 17.51 -27.25
C SER D 157 2.10 17.48 -27.24
N ASN D 158 1.48 18.55 -27.74
CA ASN D 158 0.03 18.64 -27.80
C ASN D 158 -0.52 17.83 -28.97
N LEU D 159 0.33 17.58 -29.96
CA LEU D 159 -0.07 16.82 -31.13
C LEU D 159 -0.27 15.35 -30.79
N LEU D 160 0.53 14.85 -29.85
CA LEU D 160 0.45 13.46 -29.42
C LEU D 160 -0.88 13.15 -28.73
N ASN D 161 -1.58 14.18 -28.29
CA ASN D 161 -2.86 13.99 -27.60
C ASN D 161 -4.06 14.03 -28.53
N VAL D 162 -3.83 14.34 -29.81
CA VAL D 162 -4.93 14.42 -30.77
C VAL D 162 -4.67 13.65 -32.06
N LEU D 163 -3.54 12.98 -32.15
CA LEU D 163 -3.20 12.23 -33.35
C LEU D 163 -2.46 10.93 -33.01
N PRO D 164 -2.85 9.82 -33.66
CA PRO D 164 -2.22 8.52 -33.42
C PRO D 164 -0.70 8.60 -33.45
N TYR D 165 -0.06 7.88 -32.54
CA TYR D 165 1.41 7.89 -32.45
C TYR D 165 2.11 7.60 -33.77
N GLU D 166 1.60 6.63 -34.52
CA GLU D 166 2.21 6.25 -35.80
C GLU D 166 2.44 7.44 -36.72
N GLU D 167 1.58 8.45 -36.62
CA GLU D 167 1.69 9.63 -37.46
C GLU D 167 2.65 10.68 -36.92
N VAL D 168 2.66 10.86 -35.60
CA VAL D 168 3.54 11.85 -34.99
C VAL D 168 4.95 11.31 -34.82
N SER D 169 5.07 9.99 -34.76
CA SER D 169 6.36 9.32 -34.59
C SER D 169 7.52 9.91 -35.39
N SER D 170 7.34 10.00 -36.71
CA SER D 170 8.38 10.52 -37.59
C SER D 170 8.78 11.97 -37.35
N ILE D 171 7.87 12.77 -36.81
CA ILE D 171 8.15 14.17 -36.53
C ILE D 171 9.02 14.35 -35.29
N ILE D 172 8.94 13.40 -34.37
CA ILE D 172 9.67 13.45 -33.12
C ILE D 172 11.17 13.12 -33.24
N LYS D 173 11.47 11.96 -33.82
CA LYS D 173 12.84 11.49 -33.97
C LYS D 173 13.91 12.54 -34.33
N PRO D 174 13.64 13.39 -35.32
CA PRO D 174 14.63 14.42 -35.70
C PRO D 174 14.89 15.46 -34.61
N MSE D 175 13.92 15.61 -33.72
CA MSE D 175 14.02 16.59 -32.63
C MSE D 175 14.92 16.15 -31.47
O MSE D 175 15.20 16.94 -30.56
CB MSE D 175 12.62 16.91 -32.12
CG MSE D 175 11.71 17.46 -33.21
SE MSE D 175 9.88 17.70 -32.66
CE MSE D 175 10.04 19.44 -31.85
N TYR D 176 15.37 14.89 -31.49
CA TYR D 176 16.24 14.38 -30.44
C TYR D 176 17.46 13.68 -31.03
N PRO D 177 18.53 13.53 -30.24
CA PRO D 177 18.65 13.96 -28.84
C PRO D 177 18.85 15.47 -28.70
N ILE D 178 18.69 15.96 -27.47
CA ILE D 178 18.87 17.37 -27.17
C ILE D 178 20.34 17.54 -26.81
N VAL D 179 20.92 18.68 -27.17
CA VAL D 179 22.33 18.93 -26.90
C VAL D 179 22.59 20.10 -25.97
N ASP D 180 21.67 21.07 -25.94
CA ASP D 180 21.85 22.23 -25.07
C ASP D 180 20.53 22.83 -24.62
N SER D 181 20.58 23.56 -23.51
CA SER D 181 19.40 24.20 -22.94
C SER D 181 19.25 25.63 -23.44
N PHE D 182 18.00 26.05 -23.64
CA PHE D 182 17.72 27.40 -24.12
C PHE D 182 16.62 28.05 -23.29
N GLY D 183 16.73 27.94 -21.97
CA GLY D 183 15.72 28.51 -21.09
C GLY D 183 14.90 27.44 -20.42
N LYS D 184 14.32 27.76 -19.28
CA LYS D 184 13.50 26.81 -18.53
C LYS D 184 12.23 26.41 -19.26
N ASP D 185 11.64 27.35 -20.00
CA ASP D 185 10.42 27.03 -20.73
C ASP D 185 10.72 26.07 -21.87
N TYR D 186 11.96 26.09 -22.35
CA TYR D 186 12.38 25.21 -23.43
C TYR D 186 12.62 23.82 -22.84
N ASP D 187 13.22 23.79 -21.66
CA ASP D 187 13.50 22.53 -20.98
C ASP D 187 12.22 21.86 -20.53
N LEU D 188 11.17 22.66 -20.33
CA LEU D 188 9.89 22.15 -19.89
C LEU D 188 9.20 21.39 -21.02
N THR D 189 9.14 22.00 -22.20
CA THR D 189 8.50 21.38 -23.35
C THR D 189 9.24 20.16 -23.90
N ILE D 190 10.57 20.21 -23.93
CA ILE D 190 11.33 19.09 -24.46
C ILE D 190 11.15 17.86 -23.57
N GLN D 191 10.87 18.10 -22.29
CA GLN D 191 10.66 17.01 -21.34
C GLN D 191 9.24 16.47 -21.50
N THR D 192 8.31 17.36 -21.84
CA THR D 192 6.92 16.96 -22.01
C THR D 192 6.74 15.98 -23.16
N VAL D 193 7.44 16.22 -24.25
CA VAL D 193 7.36 15.34 -25.42
C VAL D 193 7.74 13.92 -25.03
N LEU D 194 8.84 13.79 -24.30
CA LEU D 194 9.31 12.48 -23.87
C LEU D 194 8.36 11.83 -22.88
N LYS D 195 7.81 12.64 -21.97
CA LYS D 195 6.88 12.14 -20.98
C LYS D 195 5.61 11.61 -21.64
N ASN D 196 5.05 12.40 -22.57
CA ASN D 196 3.84 12.00 -23.26
C ASN D 196 4.07 10.81 -24.19
N ALA D 197 5.21 10.81 -24.87
CA ALA D 197 5.56 9.73 -25.78
C ALA D 197 5.77 8.43 -25.01
N LEU D 198 6.54 8.50 -23.92
CA LEU D 198 6.81 7.33 -23.11
C LEU D 198 5.51 6.72 -22.59
N THR D 199 4.54 7.57 -22.30
CA THR D 199 3.25 7.11 -21.79
C THR D 199 2.52 6.32 -22.86
N ILE D 200 2.34 6.93 -24.03
CA ILE D 200 1.66 6.27 -25.13
C ILE D 200 2.39 4.99 -25.54
N SER D 201 3.72 5.00 -25.47
CA SER D 201 4.51 3.84 -25.83
C SER D 201 4.27 2.67 -24.88
N ILE D 202 4.37 2.94 -23.58
CA ILE D 202 4.15 1.90 -22.58
C ILE D 202 2.70 1.43 -22.60
N MSE D 203 1.76 2.33 -22.87
CA MSE D 203 0.36 1.95 -22.91
C MSE D 203 0.04 1.03 -24.07
O MSE D 203 -0.62 0.01 -23.88
CB MSE D 203 -0.54 3.19 -22.94
CG MSE D 203 -0.70 3.85 -21.58
SE MSE D 203 -2.45 4.56 -21.28
CE MSE D 203 -2.03 6.44 -21.34
N ASN D 204 0.52 1.36 -25.26
CA ASN D 204 0.26 0.52 -26.43
C ASN D 204 1.24 -0.64 -26.50
N ARG D 205 2.05 -0.78 -25.45
CA ARG D 205 3.03 -1.86 -25.36
C ARG D 205 4.07 -1.85 -26.48
N ASN D 206 4.59 -0.68 -26.79
CA ASN D 206 5.62 -0.55 -27.82
C ASN D 206 6.94 -0.41 -27.07
N LEU D 207 7.29 -1.46 -26.33
CA LEU D 207 8.49 -1.51 -25.50
C LEU D 207 9.80 -1.00 -26.09
N LYS D 208 9.96 -1.07 -27.42
CA LYS D 208 11.19 -0.58 -28.01
C LYS D 208 11.18 0.95 -28.07
N GLU D 209 10.01 1.50 -28.32
CA GLU D 209 9.83 2.95 -28.38
C GLU D 209 9.98 3.48 -26.96
N ALA D 210 9.36 2.79 -26.01
CA ALA D 210 9.41 3.19 -24.61
C ALA D 210 10.86 3.34 -24.13
N GLN D 211 11.69 2.37 -24.46
CA GLN D 211 13.10 2.38 -24.07
C GLN D 211 13.79 3.62 -24.64
N TYR D 212 13.52 3.89 -25.90
CA TYR D 212 14.09 5.04 -26.61
C TYR D 212 13.86 6.32 -25.81
N TYR D 213 12.60 6.54 -25.42
CA TYR D 213 12.25 7.73 -24.66
C TYR D 213 12.82 7.75 -23.25
N ILE D 214 12.91 6.59 -22.61
CA ILE D 214 13.48 6.54 -21.27
C ILE D 214 14.94 6.94 -21.37
N ASN D 215 15.57 6.58 -22.48
CA ASN D 215 16.98 6.89 -22.73
C ASN D 215 17.17 8.38 -23.03
N GLN D 216 16.24 8.94 -23.79
CA GLN D 216 16.30 10.35 -24.16
C GLN D 216 16.17 11.25 -22.94
N PHE D 217 15.30 10.87 -22.01
CA PHE D 217 15.11 11.65 -20.80
C PHE D 217 16.36 11.56 -19.95
N GLU D 218 16.91 10.35 -19.87
CA GLU D 218 18.12 10.12 -19.08
C GLU D 218 19.28 10.91 -19.66
N HIS D 219 19.24 11.11 -20.98
CA HIS D 219 20.30 11.87 -21.63
C HIS D 219 20.24 13.33 -21.20
N LEU D 220 19.03 13.86 -21.03
CA LEU D 220 18.86 15.24 -20.62
C LEU D 220 19.54 15.51 -19.28
N LYS D 221 19.60 14.49 -18.43
CA LYS D 221 20.22 14.60 -17.12
C LYS D 221 21.73 14.80 -17.21
N THR D 222 22.30 14.55 -18.38
CA THR D 222 23.75 14.72 -18.55
C THR D 222 24.09 16.10 -19.09
N ILE D 223 23.08 16.83 -19.53
CA ILE D 223 23.30 18.16 -20.06
C ILE D 223 23.06 19.22 -18.99
N LYS D 224 24.12 19.58 -18.26
CA LYS D 224 24.00 20.60 -17.24
C LYS D 224 23.35 21.80 -17.90
N ASN D 225 22.48 22.49 -17.14
CA ASN D 225 21.75 23.66 -17.62
C ASN D 225 20.34 23.34 -18.12
N ILE D 226 20.04 22.06 -18.29
CA ILE D 226 18.73 21.64 -18.74
C ILE D 226 17.66 21.90 -17.68
N SER D 227 18.01 21.68 -16.42
CA SER D 227 17.08 21.88 -15.32
C SER D 227 15.85 20.99 -15.49
N ILE D 228 15.90 19.79 -14.93
CA ILE D 228 14.80 18.84 -15.07
C ILE D 228 13.62 19.13 -14.15
N ASN D 229 12.43 18.82 -14.62
CA ASN D 229 11.20 19.04 -13.85
C ASN D 229 11.03 17.91 -12.83
N GLY D 230 11.03 18.29 -11.55
CA GLY D 230 10.87 17.31 -10.50
C GLY D 230 9.68 16.39 -10.69
N TYR D 231 8.51 17.00 -10.92
CA TYR D 231 7.28 16.23 -11.12
C TYR D 231 7.42 15.25 -12.27
N TYR D 232 8.05 15.70 -13.36
CA TYR D 232 8.25 14.84 -14.53
C TYR D 232 9.20 13.70 -14.17
N ASP D 233 10.23 14.01 -13.40
CA ASP D 233 11.19 12.99 -13.00
C ASP D 233 10.46 11.87 -12.26
N LEU D 234 9.50 12.24 -11.41
CA LEU D 234 8.73 11.25 -10.68
C LEU D 234 7.82 10.46 -11.61
N GLU D 235 7.04 11.17 -12.43
CA GLU D 235 6.13 10.52 -13.37
C GLU D 235 6.88 9.63 -14.35
N ILE D 236 7.94 10.16 -14.96
CA ILE D 236 8.70 9.37 -15.93
C ILE D 236 9.33 8.14 -15.30
N ASN D 237 9.75 8.26 -14.04
CA ASN D 237 10.37 7.14 -13.34
C ASN D 237 9.35 6.05 -13.07
N TYR D 238 8.11 6.45 -12.81
CA TYR D 238 7.04 5.48 -12.54
C TYR D 238 6.78 4.69 -13.82
N LEU D 239 6.86 5.37 -14.96
CA LEU D 239 6.66 4.73 -16.24
C LEU D 239 7.86 3.81 -16.49
N LYS D 240 9.03 4.28 -16.08
CA LYS D 240 10.26 3.52 -16.23
C LYS D 240 10.15 2.24 -15.41
N GLN D 241 9.47 2.32 -14.26
CA GLN D 241 9.29 1.16 -13.40
C GLN D 241 8.25 0.20 -13.98
N ILE D 242 7.24 0.75 -14.64
CA ILE D 242 6.21 -0.07 -15.25
C ILE D 242 6.83 -0.78 -16.46
N TYR D 243 7.73 -0.07 -17.14
CA TYR D 243 8.42 -0.63 -18.29
C TYR D 243 9.18 -1.87 -17.86
N GLN D 244 10.00 -1.73 -16.83
CA GLN D 244 10.79 -2.83 -16.30
C GLN D 244 9.88 -4.00 -15.93
N PHE D 245 8.79 -3.71 -15.23
CA PHE D 245 7.84 -4.74 -14.81
C PHE D 245 7.34 -5.55 -16.00
N LEU D 246 7.06 -4.87 -17.11
CA LEU D 246 6.57 -5.52 -18.32
C LEU D 246 7.61 -6.39 -19.00
N THR D 247 8.88 -6.18 -18.64
CA THR D 247 9.96 -6.96 -19.24
C THR D 247 10.60 -7.94 -18.27
N ASP D 248 11.41 -7.41 -17.35
CA ASP D 248 12.08 -8.24 -16.36
C ASP D 248 11.10 -8.84 -15.37
N LYS D 249 9.81 -8.59 -15.59
CA LYS D 249 8.73 -9.08 -14.74
C LYS D 249 9.11 -9.36 -13.28
N ASN D 250 9.20 -8.29 -12.49
CA ASN D 250 9.52 -8.41 -11.08
C ASN D 250 8.55 -7.52 -10.32
N ILE D 251 7.77 -8.13 -9.43
CA ILE D 251 6.78 -7.43 -8.64
C ILE D 251 7.35 -6.16 -8.00
N ASP D 252 8.64 -6.18 -7.70
CA ASP D 252 9.29 -5.02 -7.10
C ASP D 252 9.10 -3.79 -7.99
N SER D 253 9.32 -3.96 -9.29
CA SER D 253 9.19 -2.86 -10.24
C SER D 253 7.79 -2.27 -10.18
N TYR D 254 6.79 -3.14 -10.14
CA TYR D 254 5.41 -2.69 -10.09
C TYR D 254 5.12 -1.98 -8.78
N LEU D 255 5.60 -2.55 -7.67
CA LEU D 255 5.38 -1.92 -6.37
C LEU D 255 5.99 -0.53 -6.34
N ASN D 256 7.14 -0.37 -7.00
CA ASN D 256 7.81 0.92 -7.05
C ASN D 256 6.92 1.91 -7.81
N ALA D 257 6.33 1.45 -8.91
CA ALA D 257 5.45 2.29 -9.70
C ALA D 257 4.32 2.80 -8.82
N VAL D 258 3.71 1.88 -8.07
CA VAL D 258 2.62 2.23 -7.17
C VAL D 258 3.10 3.23 -6.12
N ASN D 259 4.25 2.95 -5.52
CA ASN D 259 4.81 3.81 -4.50
C ASN D 259 4.98 5.23 -5.01
N ILE D 260 5.52 5.37 -6.21
CA ILE D 260 5.71 6.68 -6.82
C ILE D 260 4.37 7.38 -7.02
N ILE D 261 3.41 6.67 -7.61
CA ILE D 261 2.10 7.26 -7.84
C ILE D 261 1.49 7.73 -6.53
N ASN D 262 1.71 6.97 -5.46
CA ASN D 262 1.19 7.30 -4.15
C ASN D 262 1.79 8.60 -3.61
N ILE D 263 3.10 8.77 -3.78
CA ILE D 263 3.79 9.97 -3.30
C ILE D 263 3.11 11.24 -3.80
N PHE D 264 2.55 11.19 -5.01
CA PHE D 264 1.87 12.37 -5.54
C PHE D 264 0.68 12.73 -4.68
N LYS D 265 0.02 11.72 -4.12
CA LYS D 265 -1.14 11.92 -3.25
C LYS D 265 -0.68 12.48 -1.91
N ILE D 266 0.39 11.92 -1.37
CA ILE D 266 0.95 12.32 -0.09
C ILE D 266 1.38 13.79 -0.05
N ILE D 267 1.76 14.35 -1.20
CA ILE D 267 2.20 15.73 -1.22
C ILE D 267 1.16 16.75 -1.71
N GLY D 268 -0.10 16.35 -1.78
CA GLY D 268 -1.14 17.27 -2.19
C GLY D 268 -1.50 17.36 -3.65
N LYS D 269 -0.80 16.63 -4.51
CA LYS D 269 -1.11 16.66 -5.94
C LYS D 269 -2.28 15.73 -6.26
N GLU D 270 -3.38 15.94 -5.54
CA GLU D 270 -4.58 15.13 -5.69
C GLU D 270 -5.04 14.94 -7.13
N ASP D 271 -5.20 16.04 -7.86
CA ASP D 271 -5.66 15.96 -9.24
C ASP D 271 -4.76 15.12 -10.14
N ILE D 272 -3.45 15.37 -10.09
CA ILE D 272 -2.50 14.61 -10.91
C ILE D 272 -2.42 13.15 -10.44
N HIS D 273 -2.63 12.93 -9.15
CA HIS D 273 -2.59 11.59 -8.59
C HIS D 273 -3.76 10.77 -9.13
N ARG D 274 -4.95 11.35 -9.07
CA ARG D 274 -6.14 10.66 -9.57
C ARG D 274 -5.94 10.24 -11.02
N SER D 275 -5.37 11.13 -11.83
CA SER D 275 -5.11 10.84 -13.24
C SER D 275 -4.14 9.67 -13.35
N LEU D 276 -3.08 9.72 -12.55
CA LEU D 276 -2.07 8.66 -12.56
C LEU D 276 -2.70 7.30 -12.26
N VAL D 277 -3.50 7.25 -11.21
CA VAL D 277 -4.17 6.01 -10.83
C VAL D 277 -5.01 5.49 -11.99
N GLU D 278 -5.77 6.38 -12.62
CA GLU D 278 -6.61 5.98 -13.74
C GLU D 278 -5.75 5.39 -14.84
N GLU D 279 -4.52 5.88 -14.95
CA GLU D 279 -3.60 5.39 -15.97
C GLU D 279 -3.03 4.01 -15.64
N LEU D 280 -2.64 3.81 -14.38
CA LEU D 280 -2.09 2.54 -13.96
C LEU D 280 -3.13 1.44 -14.21
N THR D 281 -4.39 1.75 -13.92
CA THR D 281 -5.49 0.81 -14.11
C THR D 281 -5.55 0.36 -15.57
N LYS D 282 -5.44 1.32 -16.48
CA LYS D 282 -5.48 1.05 -17.91
C LYS D 282 -4.31 0.21 -18.36
N ILE D 283 -3.12 0.48 -17.82
CA ILE D 283 -1.93 -0.29 -18.15
C ILE D 283 -2.12 -1.67 -17.53
N SER D 284 -2.80 -1.70 -16.39
CA SER D 284 -3.08 -2.94 -15.68
C SER D 284 -4.45 -3.46 -16.13
N ALA D 285 -4.81 -3.08 -17.36
CA ALA D 285 -6.09 -3.50 -17.95
C ALA D 285 -5.86 -3.69 -19.45
N LYS D 286 -4.66 -3.38 -19.90
CA LYS D 286 -4.29 -3.52 -21.30
C LYS D 286 -5.08 -2.62 -22.26
N GLU D 287 -5.46 -1.44 -21.78
CA GLU D 287 -6.21 -0.51 -22.61
C GLU D 287 -5.23 0.42 -23.31
N LYS D 288 -5.37 0.56 -24.62
CA LYS D 288 -4.49 1.43 -25.38
C LYS D 288 -4.70 2.88 -24.98
N PHE D 289 -3.79 3.75 -25.38
CA PHE D 289 -3.90 5.16 -25.04
C PHE D 289 -5.15 5.82 -25.57
N THR D 290 -5.74 6.66 -24.72
CA THR D 290 -6.94 7.41 -25.05
C THR D 290 -7.12 8.42 -23.92
N PRO D 291 -7.26 9.71 -24.27
CA PRO D 291 -7.43 10.79 -23.29
C PRO D 291 -8.31 10.42 -22.10
N PRO D 292 -7.79 10.59 -20.87
CA PRO D 292 -8.51 10.28 -19.65
C PRO D 292 -9.76 11.15 -19.51
N LYS D 293 -10.60 10.85 -18.52
CA LYS D 293 -11.81 11.62 -18.29
C LYS D 293 -11.43 13.04 -17.88
N GLU D 294 -10.43 13.14 -17.02
CA GLU D 294 -9.94 14.44 -16.55
C GLU D 294 -8.72 14.82 -17.39
N VAL D 295 -8.59 16.10 -17.70
CA VAL D 295 -7.47 16.56 -18.51
C VAL D 295 -6.39 17.23 -17.66
N THR D 296 -5.13 16.91 -17.95
CA THR D 296 -3.99 17.48 -17.25
C THR D 296 -3.22 18.38 -18.21
N MSE D 297 -2.88 19.57 -17.74
CA MSE D 297 -2.15 20.54 -18.55
C MSE D 297 -0.99 21.13 -17.75
O MSE D 297 -0.94 21.01 -16.53
CB MSE D 297 -3.09 21.65 -19.01
CG MSE D 297 -4.26 21.15 -19.82
SE MSE D 297 -5.60 22.50 -20.06
CE MSE D 297 -4.59 23.70 -21.17
N TYR D 298 -0.06 21.77 -18.44
CA TYR D 298 1.09 22.36 -17.76
C TYR D 298 1.44 23.74 -18.28
N TYR D 299 1.04 24.76 -17.53
CA TYR D 299 1.32 26.15 -17.88
C TYR D 299 2.56 26.57 -17.09
N GLU D 300 2.39 26.75 -15.79
CA GLU D 300 3.50 27.11 -14.91
C GLU D 300 3.56 26.12 -13.76
N ASN D 301 2.54 25.29 -13.67
CA ASN D 301 2.44 24.27 -12.62
C ASN D 301 1.65 23.08 -13.14
N TYR D 302 2.09 21.88 -12.77
CA TYR D 302 1.40 20.67 -13.21
C TYR D 302 0.01 20.68 -12.60
N VAL D 303 -1.02 20.75 -13.45
CA VAL D 303 -2.39 20.77 -12.97
C VAL D 303 -3.33 19.92 -13.79
N ALA D 304 -4.60 19.92 -13.43
CA ALA D 304 -5.63 19.15 -14.11
C ALA D 304 -6.96 19.88 -13.99
N ILE D 305 -7.69 19.98 -15.10
CA ILE D 305 -8.98 20.66 -15.08
C ILE D 305 -10.00 19.89 -14.26
N LEU E 1 -5.38 -17.22 -3.62
CA LEU E 1 -4.79 -18.50 -4.09
C LEU E 1 -5.87 -19.57 -4.16
N VAL E 2 -5.60 -20.61 -4.93
CA VAL E 2 -6.53 -21.73 -5.07
C VAL E 2 -5.90 -22.88 -4.29
N THR E 3 -6.47 -23.16 -3.11
CA THR E 3 -5.95 -24.21 -2.24
C THR E 3 -6.72 -25.53 -2.27
N LEU E 4 -6.00 -26.63 -2.08
CA LEU E 4 -6.60 -27.96 -2.07
C LEU E 4 -6.88 -28.35 -0.63
N VAL E 5 -8.13 -28.71 -0.35
CA VAL E 5 -8.51 -29.10 1.00
C VAL E 5 -8.67 -30.61 1.08
N PHE E 6 -8.33 -31.17 2.23
CA PHE E 6 -8.45 -32.60 2.48
C PHE E 6 -8.71 -32.80 3.96
N VAL E 7 -9.94 -33.19 4.29
CA VAL E 7 -10.33 -33.41 5.67
C VAL E 7 -10.33 -34.90 6.00
N LEU F 1 -3.01 -9.93 24.53
CA LEU F 1 -4.26 -9.81 25.33
C LEU F 1 -4.51 -11.10 26.12
N VAL F 2 -5.32 -10.99 27.16
CA VAL F 2 -5.66 -12.14 27.98
C VAL F 2 -7.11 -12.49 27.62
N THR F 3 -7.28 -13.57 26.87
CA THR F 3 -8.61 -13.98 26.41
C THR F 3 -9.24 -15.14 27.19
N LEU F 4 -10.56 -15.11 27.30
CA LEU F 4 -11.29 -16.17 28.00
C LEU F 4 -11.77 -17.19 26.99
N VAL F 5 -11.43 -18.46 27.21
CA VAL F 5 -11.83 -19.52 26.30
C VAL F 5 -12.97 -20.32 26.90
N PHE F 6 -13.86 -20.80 26.05
CA PHE F 6 -15.00 -21.60 26.46
C PHE F 6 -15.34 -22.55 25.32
N VAL F 7 -15.05 -23.82 25.51
CA VAL F 7 -15.32 -24.84 24.50
C VAL F 7 -16.59 -25.61 24.84
N LEU G 1 1.02 9.87 -18.49
CA LEU G 1 -0.07 10.81 -18.86
C LEU G 1 0.37 11.70 -20.01
N VAL G 2 -0.54 12.00 -20.92
CA VAL G 2 -0.23 12.86 -22.04
C VAL G 2 -0.74 14.25 -21.69
N THR G 3 0.16 15.09 -21.16
CA THR G 3 -0.19 16.44 -20.75
C THR G 3 0.05 17.49 -21.83
N LEU G 4 -0.79 18.51 -21.85
CA LEU G 4 -0.69 19.60 -22.82
C LEU G 4 0.24 20.69 -22.27
N VAL G 5 1.10 21.22 -23.13
CA VAL G 5 2.04 22.26 -22.72
C VAL G 5 1.66 23.58 -23.36
N PHE G 6 2.00 24.68 -22.68
CA PHE G 6 1.71 26.02 -23.19
C PHE G 6 2.71 27.03 -22.65
N VAL G 7 3.30 27.81 -23.55
CA VAL G 7 4.28 28.82 -23.17
C VAL G 7 5.52 28.15 -22.59
N THR H 1 16.39 3.74 14.13
CA THR H 1 16.14 4.07 12.70
C THR H 1 16.06 2.80 11.84
N PRO H 2 15.08 2.75 10.91
CA PRO H 2 14.88 1.60 10.02
C PRO H 2 16.17 1.05 9.42
N PRO H 3 16.17 -0.23 9.02
CA PRO H 3 17.34 -0.89 8.43
C PRO H 3 17.47 -0.40 7.00
N LYS H 4 16.42 0.30 6.57
CA LYS H 4 16.37 0.87 5.24
C LYS H 4 17.37 2.02 5.19
N GLU H 5 17.54 2.67 6.34
CA GLU H 5 18.47 3.79 6.46
C GLU H 5 19.81 3.36 7.04
N VAL H 6 19.91 2.11 7.49
CA VAL H 6 21.16 1.61 8.05
C VAL H 6 22.10 1.22 6.91
N THR H 7 21.53 0.94 5.75
CA THR H 7 22.32 0.58 4.58
C THR H 7 22.85 1.91 4.04
N MSE H 8 23.46 2.68 4.95
CA MSE H 8 24.01 4.01 4.68
C MSE H 8 23.20 4.83 3.68
O MSE H 8 22.60 5.83 4.12
OXT MSE H 8 23.19 4.48 2.48
CB MSE H 8 25.47 3.90 4.23
CG MSE H 8 25.69 3.27 2.86
SE MSE H 8 27.55 3.37 2.32
CE MSE H 8 27.65 5.27 1.95
#